data_7EOX
#
_entry.id   7EOX
#
_cell.length_a   67.673
_cell.length_b   112.880
_cell.length_c   201.801
_cell.angle_alpha   90.00
_cell.angle_beta   90.00
_cell.angle_gamma   90.00
#
_symmetry.space_group_name_H-M   'P 21 21 21'
#
loop_
_entity.id
_entity.type
_entity.pdbx_description
1 polymer Protease
2 branched beta-D-xylopyranose-(1-2)-[alpha-D-mannopyranose-(1-3)][alpha-D-mannopyranose-(1-6)]beta-D-mannopyranose-(1-4)-2-acetamido-2-deoxy-beta-D-glucopyranose-(1-4)-[alpha-L-fucopyranose-(1-3)]2-acetamido-2-deoxy-beta-D-glucopyranose
3 non-polymer 2-acetamido-2-deoxy-beta-D-glucopyranose
4 non-polymer 'IODIDE ION'
5 water water
#
_entity_poly.entity_id   1
_entity_poly.type   'polypeptide(L)'
_entity_poly.pdbx_seq_one_letter_code
;DTHTPEFLGDSSNSGLWPNGNYGEDIIIGVLDTGVWPEHPSFSDSDMSDIPSSWKGTCETSDDFPASSCNKKLIGARAFS
KGIVAYQGAPIDKSKDSDSPRDINGHGTHTSTTAGGSKVQNASFYGYAKGQARGMATKARIAVYKVCWSAGCPDTDILAA
MNQAIEDGVHVISMSVGPQGYSPDYYQEASAIGAFNAVKYGIIVSCSAGNSGPKPLTAGNISPWILTVGASTIDREFRAD
VVLGDGRTFKGSSLYTGEPLQDEFFPLVYAGYAGSSRFCTNGSLDSSKVQGKIVICDNGIISREEKGNEVNRAGGAGMID
VTAEDFLRAGDAYLFPATTVTLTDGYEIEYYSVTSQSPTAKIVFLGTVIGNSPPAPKVASFSSRGPNLWTPQILKPDVIA
PGVAILAGWSGAAHPTDLDNDDRIVQFWLDSGTSMACPHVSGIVALLRKAHPSWSAAAIKSALMTTAYNLDNSGETITDV
ATSNASTPFDRGAGHVHPDSALDPGLVYDSDTEDYVSFLCAIGYNSTLIGIFTGEVPPSDICDNYKLGSPGNLNYPSFSV
AFEGDTSNVTYKRTVTNVGSSSDVVYRVKVNAPPSVDVSVSPSSLVFSKENPSLSYEITFTSTL(UNK)(UNK)(UNK)
(UNK)(UNK)(UNK)AQSFGSIEWSDGTHSVRSPIAIDW
;
_entity_poly.pdbx_strand_id   A,B
#
# COMPACT_ATOMS: atom_id res chain seq x y z
N ASP A 1 3.75 -23.64 -22.53
CA ASP A 1 3.94 -24.16 -21.15
C ASP A 1 3.69 -25.69 -21.06
N THR A 2 4.15 -26.24 -19.94
CA THR A 2 4.25 -27.67 -19.59
C THR A 2 2.94 -28.19 -19.05
N HIS A 3 1.96 -27.34 -18.70
CA HIS A 3 0.65 -27.81 -18.20
C HIS A 3 -0.54 -27.10 -18.89
N THR A 4 -0.37 -25.90 -19.47
CA THR A 4 -1.57 -25.15 -19.95
C THR A 4 -2.29 -25.90 -21.08
N PRO A 5 -1.59 -26.53 -22.06
CA PRO A 5 -2.28 -27.29 -23.09
C PRO A 5 -3.26 -28.29 -22.47
N GLU A 6 -2.84 -28.96 -21.39
CA GLU A 6 -3.64 -29.97 -20.66
C GLU A 6 -4.82 -29.27 -19.97
N PHE A 7 -4.60 -28.12 -19.32
CA PHE A 7 -5.69 -27.34 -18.66
C PHE A 7 -6.70 -26.90 -19.73
N LEU A 8 -6.23 -26.62 -20.94
CA LEU A 8 -7.07 -26.14 -22.06
C LEU A 8 -7.83 -27.33 -22.69
N GLY A 9 -7.47 -28.58 -22.36
CA GLY A 9 -8.10 -29.79 -22.93
C GLY A 9 -7.55 -30.18 -24.30
N ASP A 10 -6.46 -29.56 -24.76
CA ASP A 10 -5.73 -29.96 -25.98
C ASP A 10 -5.15 -31.36 -25.76
N SER A 11 -5.21 -32.22 -26.78
CA SER A 11 -4.57 -33.56 -26.73
C SER A 11 -4.35 -34.05 -28.15
N SER A 12 -3.46 -35.02 -28.32
CA SER A 12 -3.13 -35.57 -29.66
C SER A 12 -4.20 -36.61 -30.06
N ASN A 13 -5.06 -37.01 -29.13
CA ASN A 13 -6.12 -38.03 -29.35
C ASN A 13 -7.20 -37.51 -30.28
N SER A 14 -7.63 -36.25 -30.09
CA SER A 14 -8.81 -35.67 -30.77
C SER A 14 -8.83 -34.14 -30.61
N GLY A 15 -9.70 -33.49 -31.38
CA GLY A 15 -10.01 -32.06 -31.18
C GLY A 15 -9.11 -31.22 -32.04
N LEU A 16 -8.80 -30.02 -31.55
CA LEU A 16 -8.23 -28.92 -32.34
C LEU A 16 -6.75 -29.17 -32.65
N TRP A 17 -6.02 -29.85 -31.77
CA TRP A 17 -4.58 -30.11 -32.06
C TRP A 17 -4.46 -30.96 -33.32
N PRO A 18 -5.07 -32.17 -33.39
CA PRO A 18 -5.07 -32.92 -34.64
C PRO A 18 -5.77 -32.26 -35.85
N ASN A 19 -7.01 -31.77 -35.70
CA ASN A 19 -7.77 -31.17 -36.85
C ASN A 19 -7.09 -29.89 -37.36
N GLY A 20 -6.32 -29.18 -36.52
CA GLY A 20 -5.53 -27.99 -36.93
C GLY A 20 -4.09 -28.35 -37.29
N ASN A 21 -3.70 -29.63 -37.21
CA ASN A 21 -2.32 -30.11 -37.52
C ASN A 21 -1.27 -29.37 -36.65
N TYR A 22 -1.60 -29.06 -35.40
CA TYR A 22 -0.69 -28.37 -34.44
C TYR A 22 -0.21 -27.05 -35.06
N GLY A 23 -0.96 -26.53 -36.03
CA GLY A 23 -0.65 -25.26 -36.69
C GLY A 23 0.37 -25.39 -37.79
N GLU A 24 0.63 -26.61 -38.24
CA GLU A 24 1.60 -26.79 -39.35
C GLU A 24 1.24 -25.85 -40.50
N ASP A 25 2.22 -25.08 -40.94
CA ASP A 25 2.18 -24.13 -42.07
C ASP A 25 1.39 -22.85 -41.75
N ILE A 26 0.93 -22.64 -40.52
CA ILE A 26 0.38 -21.30 -40.10
C ILE A 26 1.54 -20.45 -39.59
N ILE A 27 1.58 -19.18 -39.98
CA ILE A 27 2.66 -18.24 -39.58
C ILE A 27 2.06 -17.25 -38.57
N ILE A 28 2.65 -17.21 -37.38
CA ILE A 28 2.27 -16.26 -36.29
C ILE A 28 3.30 -15.13 -36.22
N GLY A 29 2.89 -13.90 -36.50
CA GLY A 29 3.74 -12.70 -36.26
C GLY A 29 3.61 -12.24 -34.83
N VAL A 30 4.73 -11.98 -34.16
CA VAL A 30 4.78 -11.62 -32.70
C VAL A 30 5.42 -10.24 -32.60
N LEU A 31 4.63 -9.26 -32.15
CA LEU A 31 5.05 -7.85 -32.05
C LEU A 31 5.39 -7.62 -30.57
N ASP A 32 6.68 -7.47 -30.24
CA ASP A 32 7.10 -7.60 -28.82
C ASP A 32 8.55 -7.11 -28.66
N THR A 33 9.28 -7.69 -27.73
CA THR A 33 10.68 -7.24 -27.39
C THR A 33 11.72 -7.85 -28.34
N GLY A 34 11.33 -8.59 -29.37
CA GLY A 34 12.24 -9.39 -30.24
C GLY A 34 12.29 -10.83 -29.78
N VAL A 35 13.39 -11.55 -30.04
CA VAL A 35 13.51 -12.99 -29.67
C VAL A 35 14.96 -13.34 -29.36
N TRP A 36 15.16 -14.38 -28.56
CA TRP A 36 16.47 -15.01 -28.28
C TRP A 36 16.60 -16.24 -29.16
N PRO A 37 17.18 -16.11 -30.37
CA PRO A 37 17.14 -17.18 -31.36
C PRO A 37 17.85 -18.47 -30.90
N GLU A 38 18.92 -18.38 -30.09
CA GLU A 38 19.65 -19.57 -29.58
C GLU A 38 18.85 -20.24 -28.45
N HIS A 39 17.75 -20.90 -28.80
CA HIS A 39 16.79 -21.45 -27.80
C HIS A 39 16.10 -22.67 -28.39
N PRO A 40 15.94 -23.77 -27.63
CA PRO A 40 15.35 -25.00 -28.18
C PRO A 40 13.88 -24.94 -28.68
N SER A 41 13.20 -23.82 -28.44
CA SER A 41 11.78 -23.60 -28.83
C SER A 41 11.75 -23.22 -30.30
N PHE A 42 12.89 -22.80 -30.84
CA PHE A 42 13.04 -22.43 -32.27
C PHE A 42 13.68 -23.56 -33.08
N SER A 43 13.75 -24.76 -32.51
CA SER A 43 14.21 -25.97 -33.23
C SER A 43 13.30 -26.21 -34.43
N ASP A 44 13.88 -26.44 -35.60
CA ASP A 44 13.11 -26.71 -36.84
C ASP A 44 13.27 -28.18 -37.24
N SER A 45 13.56 -29.06 -36.28
CA SER A 45 13.65 -30.53 -36.48
C SER A 45 12.32 -31.02 -37.05
N ASP A 46 12.32 -31.77 -38.15
CA ASP A 46 11.12 -32.42 -38.75
C ASP A 46 10.10 -31.35 -39.17
N MET A 47 10.55 -30.37 -39.95
CA MET A 47 9.72 -29.27 -40.50
C MET A 47 10.08 -29.07 -41.97
N SER A 48 9.08 -28.81 -42.79
CA SER A 48 9.22 -28.68 -44.25
C SER A 48 9.83 -27.31 -44.54
N ASP A 49 10.19 -27.07 -45.79
CA ASP A 49 10.79 -25.79 -46.26
C ASP A 49 9.81 -24.62 -46.06
N ILE A 50 10.35 -23.43 -45.85
CA ILE A 50 9.57 -22.17 -45.80
C ILE A 50 8.84 -22.08 -47.13
N PRO A 51 7.49 -21.97 -47.16
CA PRO A 51 6.78 -21.78 -48.41
C PRO A 51 7.20 -20.46 -49.09
N SER A 52 7.21 -20.39 -50.43
CA SER A 52 7.60 -19.19 -51.19
C SER A 52 6.52 -18.10 -51.08
N SER A 53 5.30 -18.45 -50.65
CA SER A 53 4.25 -17.45 -50.32
C SER A 53 4.79 -16.44 -49.29
N TRP A 54 5.73 -16.87 -48.43
CA TRP A 54 6.33 -16.05 -47.34
C TRP A 54 7.26 -14.97 -47.91
N LYS A 55 6.97 -13.68 -47.69
CA LYS A 55 7.73 -12.55 -48.29
C LYS A 55 8.53 -11.82 -47.20
N GLY A 56 8.64 -12.44 -46.02
CA GLY A 56 9.42 -11.96 -44.87
C GLY A 56 10.91 -12.24 -45.03
N THR A 57 11.71 -11.84 -44.03
CA THR A 57 13.19 -11.87 -44.09
C THR A 57 13.78 -11.84 -42.68
N CYS A 58 15.11 -11.94 -42.57
CA CYS A 58 15.83 -11.77 -41.28
C CYS A 58 16.91 -10.70 -41.40
N GLU A 59 16.75 -9.61 -40.64
CA GLU A 59 17.72 -8.49 -40.53
C GLU A 59 18.88 -8.99 -39.66
N THR A 60 20.04 -9.21 -40.28
CA THR A 60 21.20 -9.92 -39.69
C THR A 60 22.22 -8.92 -39.15
N SER A 61 23.16 -9.41 -38.33
CA SER A 61 24.14 -8.61 -37.55
C SER A 61 25.04 -9.56 -36.76
N ASP A 62 26.20 -9.04 -36.31
CA ASP A 62 27.06 -9.69 -35.30
C ASP A 62 26.19 -10.17 -34.15
N ASP A 63 25.28 -9.29 -33.71
CA ASP A 63 24.41 -9.52 -32.54
C ASP A 63 23.25 -10.44 -32.93
N PHE A 64 22.89 -10.52 -34.22
CA PHE A 64 21.79 -11.38 -34.76
C PHE A 64 22.26 -12.07 -36.05
N PRO A 65 22.95 -13.24 -35.97
CA PRO A 65 23.48 -13.88 -37.19
C PRO A 65 22.37 -14.43 -38.11
N ALA A 66 22.70 -14.67 -39.40
CA ALA A 66 21.84 -15.29 -40.43
C ALA A 66 21.32 -16.65 -39.95
N SER A 67 22.15 -17.37 -39.20
CA SER A 67 21.87 -18.71 -38.63
C SER A 67 20.83 -18.64 -37.50
N SER A 68 20.44 -17.44 -37.06
CA SER A 68 19.34 -17.21 -36.07
C SER A 68 18.04 -17.78 -36.64
N CYS A 69 17.72 -17.38 -37.87
CA CYS A 69 16.48 -17.79 -38.58
C CYS A 69 16.71 -19.13 -39.27
N ASN A 70 15.68 -19.96 -39.28
CA ASN A 70 15.68 -21.31 -39.87
C ASN A 70 14.28 -21.55 -40.47
N LYS A 71 13.77 -22.76 -40.40
CA LYS A 71 12.46 -23.15 -41.00
C LYS A 71 11.33 -22.89 -39.99
N LYS A 72 11.71 -22.72 -38.71
CA LYS A 72 10.78 -22.49 -37.57
C LYS A 72 10.64 -20.98 -37.34
N LEU A 73 11.73 -20.37 -36.89
CA LEU A 73 11.81 -18.90 -36.80
C LEU A 73 12.16 -18.38 -38.19
N ILE A 74 11.21 -17.81 -38.95
CA ILE A 74 11.39 -17.58 -40.41
C ILE A 74 11.45 -16.08 -40.67
N GLY A 75 11.28 -15.28 -39.62
CA GLY A 75 11.24 -13.82 -39.74
C GLY A 75 11.78 -13.18 -38.46
N ALA A 76 12.49 -12.05 -38.60
CA ALA A 76 13.03 -11.22 -37.49
C ALA A 76 13.36 -9.83 -38.05
N ARG A 77 12.57 -8.83 -37.68
CA ARG A 77 12.70 -7.42 -38.11
C ARG A 77 12.67 -6.55 -36.85
N ALA A 78 13.29 -5.36 -36.90
CA ALA A 78 13.28 -4.40 -35.77
C ALA A 78 12.77 -3.07 -36.30
N PHE A 79 12.03 -2.32 -35.47
CA PHE A 79 11.32 -1.06 -35.80
C PHE A 79 11.59 -0.01 -34.71
N SER A 80 12.60 0.82 -34.90
CA SER A 80 13.12 1.78 -33.88
C SER A 80 13.10 3.21 -34.43
N LYS A 81 12.32 3.47 -35.45
CA LYS A 81 12.26 4.82 -36.07
C LYS A 81 11.58 5.78 -35.08
N GLY A 82 10.79 5.24 -34.14
CA GLY A 82 10.11 6.00 -33.08
C GLY A 82 11.00 6.24 -31.87
N ILE A 83 12.24 5.72 -31.86
CA ILE A 83 13.32 5.97 -30.85
C ILE A 83 13.31 4.82 -29.82
N ASP A 98 19.42 -1.09 -34.22
CA ASP A 98 19.73 -2.20 -33.28
C ASP A 98 18.90 -3.45 -33.64
N SER A 99 19.22 -4.62 -33.06
CA SER A 99 18.80 -5.93 -33.61
C SER A 99 17.43 -6.38 -33.08
N PRO A 100 16.80 -7.34 -33.77
CA PRO A 100 15.65 -8.08 -33.23
C PRO A 100 15.95 -8.94 -31.98
N ARG A 101 17.18 -8.89 -31.45
CA ARG A 101 17.56 -9.76 -30.30
C ARG A 101 16.78 -9.33 -29.07
N ASP A 102 16.38 -10.29 -28.25
CA ASP A 102 15.53 -10.04 -27.06
C ASP A 102 16.45 -10.01 -25.85
N ILE A 103 16.71 -8.82 -25.32
CA ILE A 103 17.52 -8.58 -24.08
C ILE A 103 16.59 -8.55 -22.85
N ASN A 104 15.26 -8.51 -23.06
CA ASN A 104 14.24 -8.46 -21.97
C ASN A 104 13.86 -9.87 -21.50
N GLY A 105 13.34 -10.68 -22.42
CA GLY A 105 12.81 -12.03 -22.12
C GLY A 105 11.36 -12.10 -22.61
N HIS A 106 10.64 -10.97 -22.58
CA HIS A 106 9.16 -10.92 -22.73
C HIS A 106 8.79 -11.48 -24.12
N GLY A 107 9.49 -11.05 -25.18
CA GLY A 107 9.31 -11.50 -26.57
C GLY A 107 9.49 -13.00 -26.75
N THR A 108 10.45 -13.60 -26.03
CA THR A 108 10.78 -15.04 -26.15
C THR A 108 9.68 -15.82 -25.45
N HIS A 109 9.18 -15.25 -24.35
CA HIS A 109 8.14 -15.86 -23.51
C HIS A 109 6.86 -15.94 -24.34
N THR A 110 6.46 -14.85 -24.98
CA THR A 110 5.17 -14.78 -25.72
C THR A 110 5.24 -15.58 -27.04
N SER A 111 6.30 -15.44 -27.85
CA SER A 111 6.40 -16.13 -29.18
C SER A 111 6.37 -17.62 -28.93
N THR A 112 7.03 -18.02 -27.86
CA THR A 112 7.25 -19.40 -27.42
C THR A 112 5.95 -19.99 -26.85
N THR A 113 5.15 -19.16 -26.18
CA THR A 113 3.81 -19.60 -25.67
C THR A 113 2.91 -19.90 -26.88
N ALA A 114 2.93 -19.05 -27.90
CA ALA A 114 2.03 -19.08 -29.09
C ALA A 114 2.43 -20.22 -30.03
N GLY A 115 3.74 -20.42 -30.24
CA GLY A 115 4.22 -21.27 -31.35
C GLY A 115 5.52 -22.01 -31.07
N GLY A 116 5.92 -22.21 -29.81
CA GLY A 116 7.20 -22.86 -29.51
C GLY A 116 7.20 -24.34 -29.89
N SER A 117 8.28 -24.79 -30.57
CA SER A 117 8.53 -26.25 -30.77
C SER A 117 8.57 -26.90 -29.39
N LYS A 118 8.22 -28.19 -29.31
CA LYS A 118 8.23 -29.03 -28.09
C LYS A 118 9.65 -29.16 -27.53
N VAL A 119 9.85 -28.81 -26.25
CA VAL A 119 11.13 -28.99 -25.50
C VAL A 119 10.89 -29.95 -24.35
N GLN A 120 11.63 -31.06 -24.30
CA GLN A 120 11.58 -32.07 -23.21
C GLN A 120 12.20 -31.49 -21.92
N ASN A 121 11.69 -31.90 -20.76
CA ASN A 121 12.32 -31.61 -19.44
C ASN A 121 12.51 -30.09 -19.25
N ALA A 122 11.57 -29.26 -19.71
CA ALA A 122 11.60 -27.79 -19.48
C ALA A 122 11.09 -27.57 -18.05
N SER A 123 11.69 -26.58 -17.39
CA SER A 123 11.33 -26.21 -15.99
C SER A 123 12.05 -24.91 -15.63
N PHE A 124 11.67 -24.32 -14.50
CA PHE A 124 12.48 -23.27 -13.83
C PHE A 124 13.05 -23.93 -12.58
N TYR A 125 14.31 -24.39 -12.62
CA TYR A 125 14.95 -25.13 -11.50
C TYR A 125 14.01 -26.18 -10.93
N GLY A 126 13.29 -26.94 -11.77
CA GLY A 126 12.45 -28.07 -11.34
C GLY A 126 10.99 -27.68 -11.19
N TYR A 127 10.70 -26.38 -11.23
CA TYR A 127 9.32 -25.84 -11.12
C TYR A 127 8.62 -25.94 -12.48
N ALA A 128 7.35 -26.36 -12.48
CA ALA A 128 6.53 -26.47 -13.71
C ALA A 128 7.23 -27.38 -14.72
N LYS A 129 7.76 -28.51 -14.22
CA LYS A 129 8.58 -29.49 -14.99
C LYS A 129 7.65 -30.24 -15.96
N GLY A 130 7.99 -30.25 -17.25
CA GLY A 130 7.35 -31.13 -18.25
C GLY A 130 7.86 -30.84 -19.65
N GLN A 131 7.04 -31.06 -20.68
CA GLN A 131 7.41 -30.66 -22.05
C GLN A 131 6.72 -29.31 -22.30
N ALA A 132 7.52 -28.28 -22.57
CA ALA A 132 7.07 -26.93 -22.97
C ALA A 132 6.67 -26.93 -24.43
N ARG A 133 5.41 -26.58 -24.72
CA ARG A 133 4.82 -26.57 -26.08
C ARG A 133 4.09 -25.24 -26.30
N GLY A 134 4.38 -24.56 -27.40
CA GLY A 134 3.49 -23.53 -27.98
C GLY A 134 2.09 -24.12 -28.17
N MET A 135 1.04 -23.30 -28.16
CA MET A 135 -0.31 -23.89 -28.39
C MET A 135 -0.37 -24.37 -29.84
N ALA A 136 0.31 -23.67 -30.74
CA ALA A 136 0.48 -24.05 -32.17
C ALA A 136 1.93 -24.54 -32.39
N THR A 137 2.22 -25.74 -31.91
CA THR A 137 3.58 -26.29 -31.70
C THR A 137 4.35 -26.34 -33.02
N LYS A 138 3.64 -26.49 -34.15
CA LYS A 138 4.28 -26.67 -35.48
C LYS A 138 4.16 -25.40 -36.31
N ALA A 139 3.65 -24.30 -35.75
CA ALA A 139 3.57 -23.04 -36.50
C ALA A 139 4.96 -22.47 -36.82
N ARG A 140 5.04 -21.60 -37.82
CA ARG A 140 6.21 -20.74 -38.08
C ARG A 140 6.04 -19.45 -37.26
N ILE A 141 7.15 -18.86 -36.84
CA ILE A 141 7.21 -17.62 -36.02
C ILE A 141 7.97 -16.59 -36.80
N ALA A 142 7.36 -15.43 -36.98
CA ALA A 142 7.97 -14.20 -37.50
C ALA A 142 7.95 -13.16 -36.37
N VAL A 143 9.14 -12.63 -36.02
CA VAL A 143 9.36 -11.72 -34.86
C VAL A 143 9.44 -10.30 -35.42
N TYR A 144 8.67 -9.38 -34.84
CA TYR A 144 8.71 -7.94 -35.20
C TYR A 144 9.01 -7.20 -33.90
N LYS A 145 10.28 -6.85 -33.69
CA LYS A 145 10.72 -6.18 -32.43
C LYS A 145 10.25 -4.74 -32.47
N VAL A 146 9.35 -4.35 -31.59
CA VAL A 146 8.83 -2.97 -31.57
C VAL A 146 9.01 -2.38 -30.16
N CYS A 147 9.51 -3.14 -29.19
CA CYS A 147 9.57 -2.71 -27.76
C CYS A 147 11.02 -2.55 -27.30
N TRP A 148 11.37 -1.32 -26.92
CA TRP A 148 12.76 -0.91 -26.54
C TRP A 148 12.76 -0.41 -25.10
N SER A 149 13.90 -0.04 -24.52
CA SER A 149 13.91 0.36 -23.09
C SER A 149 13.04 1.61 -22.93
N ALA A 150 13.09 2.52 -23.90
CA ALA A 150 12.28 3.76 -23.99
C ALA A 150 10.77 3.44 -24.00
N GLY A 151 10.37 2.28 -24.53
CA GLY A 151 8.95 1.86 -24.67
C GLY A 151 8.67 1.31 -26.06
N CYS A 152 7.40 1.25 -26.46
CA CYS A 152 6.94 0.67 -27.76
C CYS A 152 6.29 1.78 -28.57
N PRO A 153 7.03 2.47 -29.47
CA PRO A 153 6.50 3.64 -30.16
C PRO A 153 5.37 3.32 -31.14
N ASP A 154 4.34 4.16 -31.14
CA ASP A 154 3.13 3.99 -32.00
C ASP A 154 3.56 3.79 -33.45
N THR A 155 4.41 4.67 -33.99
CA THR A 155 4.86 4.64 -35.41
C THR A 155 5.49 3.29 -35.77
N ASP A 156 6.23 2.67 -34.83
CA ASP A 156 6.90 1.37 -35.02
C ASP A 156 5.91 0.20 -34.87
N ILE A 157 4.95 0.27 -33.95
CA ILE A 157 3.86 -0.73 -33.85
C ILE A 157 3.13 -0.78 -35.20
N LEU A 158 2.71 0.36 -35.74
CA LEU A 158 1.91 0.44 -36.99
C LEU A 158 2.78 -0.03 -38.16
N ALA A 159 4.09 0.25 -38.16
CA ALA A 159 5.01 -0.17 -39.24
C ALA A 159 5.11 -1.69 -39.25
N ALA A 160 5.28 -2.28 -38.08
CA ALA A 160 5.45 -3.75 -37.92
C ALA A 160 4.14 -4.47 -38.31
N MET A 161 2.97 -3.93 -37.95
CA MET A 161 1.68 -4.57 -38.29
C MET A 161 1.58 -4.56 -39.82
N ASN A 162 1.69 -3.39 -40.44
CA ASN A 162 1.62 -3.23 -41.92
C ASN A 162 2.68 -4.11 -42.62
N GLN A 163 3.84 -4.35 -42.00
CA GLN A 163 4.93 -5.18 -42.57
C GLN A 163 4.56 -6.67 -42.41
N ALA A 164 4.01 -7.07 -41.26
CA ALA A 164 3.58 -8.47 -41.00
C ALA A 164 2.49 -8.87 -42.01
N ILE A 165 1.57 -7.95 -42.32
CA ILE A 165 0.51 -8.11 -43.36
C ILE A 165 1.20 -8.34 -44.72
N GLU A 166 2.06 -7.42 -45.17
CA GLU A 166 2.88 -7.58 -46.42
C GLU A 166 3.66 -8.91 -46.43
N ASP A 167 4.29 -9.29 -45.33
CA ASP A 167 5.10 -10.53 -45.26
C ASP A 167 4.19 -11.75 -45.49
N GLY A 168 2.93 -11.67 -45.07
CA GLY A 168 1.94 -12.76 -45.20
C GLY A 168 1.82 -13.64 -43.95
N VAL A 169 1.92 -13.09 -42.74
CA VAL A 169 1.54 -13.88 -41.53
C VAL A 169 0.02 -14.18 -41.63
N HIS A 170 -0.44 -15.17 -40.92
CA HIS A 170 -1.87 -15.55 -40.74
C HIS A 170 -2.45 -14.92 -39.44
N VAL A 171 -1.62 -14.73 -38.41
CA VAL A 171 -2.05 -14.29 -37.05
C VAL A 171 -1.05 -13.26 -36.55
N ILE A 172 -1.52 -12.17 -35.95
CA ILE A 172 -0.64 -11.18 -35.24
C ILE A 172 -0.90 -11.36 -33.73
N SER A 173 0.12 -11.72 -32.96
CA SER A 173 0.11 -11.84 -31.49
C SER A 173 0.81 -10.60 -30.91
N MET A 174 0.05 -9.72 -30.25
CA MET A 174 0.54 -8.39 -29.80
C MET A 174 0.29 -8.23 -28.30
N SER A 175 1.23 -8.68 -27.47
CA SER A 175 1.17 -8.50 -25.98
C SER A 175 1.77 -7.13 -25.63
N VAL A 176 1.27 -6.09 -26.29
CA VAL A 176 1.70 -4.66 -26.14
C VAL A 176 0.45 -3.81 -26.07
N GLY A 177 0.38 -2.86 -25.15
CA GLY A 177 -0.78 -1.96 -25.09
C GLY A 177 -0.55 -0.83 -24.08
N PRO A 178 -1.53 0.08 -23.94
CA PRO A 178 -1.39 1.23 -23.06
C PRO A 178 -1.13 0.75 -21.62
N GLN A 179 -0.36 1.53 -20.87
CA GLN A 179 -0.01 1.22 -19.47
C GLN A 179 -1.27 1.29 -18.60
N GLY A 180 -2.17 2.20 -18.90
CA GLY A 180 -3.37 2.43 -18.08
C GLY A 180 -4.58 2.58 -18.97
N TYR A 181 -5.37 3.62 -18.75
CA TYR A 181 -6.61 3.87 -19.54
C TYR A 181 -6.26 4.11 -21.02
N SER A 182 -7.06 3.56 -21.93
CA SER A 182 -6.70 3.48 -23.37
C SER A 182 -7.02 4.79 -24.06
N PRO A 183 -6.19 5.21 -25.04
CA PRO A 183 -6.57 6.25 -25.98
C PRO A 183 -7.75 5.80 -26.84
N ASP A 184 -8.37 6.73 -27.54
CA ASP A 184 -9.43 6.46 -28.57
C ASP A 184 -8.82 5.70 -29.77
N TYR A 185 -9.67 5.06 -30.58
CA TYR A 185 -9.22 4.09 -31.62
C TYR A 185 -8.26 4.76 -32.57
N TYR A 186 -8.60 5.95 -33.04
CA TYR A 186 -7.85 6.63 -34.12
C TYR A 186 -6.43 6.94 -33.63
N GLN A 187 -6.20 6.94 -32.32
CA GLN A 187 -4.87 7.25 -31.76
C GLN A 187 -4.08 5.96 -31.49
N GLU A 188 -4.70 4.79 -31.66
CA GLU A 188 -4.05 3.51 -31.28
C GLU A 188 -3.55 2.75 -32.52
N ALA A 189 -2.24 2.51 -32.57
CA ALA A 189 -1.60 1.74 -33.65
C ALA A 189 -2.36 0.43 -33.82
N SER A 190 -2.63 -0.27 -32.72
CA SER A 190 -3.28 -1.63 -32.74
C SER A 190 -4.59 -1.56 -33.53
N ALA A 191 -5.38 -0.52 -33.31
CA ALA A 191 -6.70 -0.33 -33.93
C ALA A 191 -6.53 -0.16 -35.43
N ILE A 192 -5.56 0.67 -35.83
CA ILE A 192 -5.34 1.03 -37.26
C ILE A 192 -4.76 -0.19 -37.97
N GLY A 193 -3.76 -0.83 -37.37
CA GLY A 193 -3.08 -2.00 -37.94
C GLY A 193 -4.05 -3.16 -38.11
N ALA A 194 -4.86 -3.42 -37.09
CA ALA A 194 -5.75 -4.59 -37.05
C ALA A 194 -6.86 -4.39 -38.07
N PHE A 195 -7.32 -3.16 -38.26
CA PHE A 195 -8.34 -2.79 -39.26
C PHE A 195 -7.82 -3.21 -40.64
N ASN A 196 -6.55 -2.92 -40.94
CA ASN A 196 -5.90 -3.23 -42.25
C ASN A 196 -5.80 -4.77 -42.35
N ALA A 197 -5.47 -5.46 -41.27
CA ALA A 197 -5.25 -6.92 -41.26
C ALA A 197 -6.54 -7.69 -41.61
N VAL A 198 -7.72 -7.13 -41.27
CA VAL A 198 -9.09 -7.74 -41.45
C VAL A 198 -9.31 -8.20 -42.90
N LYS A 199 -9.04 -7.35 -43.90
CA LYS A 199 -9.40 -7.62 -45.31
C LYS A 199 -8.57 -8.79 -45.81
N TYR A 200 -7.49 -9.17 -45.13
CA TYR A 200 -6.62 -10.29 -45.55
C TYR A 200 -6.92 -11.57 -44.76
N GLY A 201 -7.89 -11.54 -43.84
CA GLY A 201 -8.21 -12.72 -43.03
C GLY A 201 -7.26 -12.89 -41.88
N ILE A 202 -6.40 -11.89 -41.62
CA ILE A 202 -5.39 -12.03 -40.54
C ILE A 202 -6.07 -11.74 -39.18
N ILE A 203 -5.94 -12.65 -38.25
CA ILE A 203 -6.56 -12.50 -36.90
C ILE A 203 -5.57 -11.75 -36.01
N VAL A 204 -6.03 -10.71 -35.31
CA VAL A 204 -5.17 -9.94 -34.36
C VAL A 204 -5.64 -10.23 -32.95
N SER A 205 -4.76 -10.85 -32.19
CA SER A 205 -4.92 -11.23 -30.77
C SER A 205 -4.08 -10.29 -29.92
N CYS A 206 -4.68 -9.61 -28.95
CA CYS A 206 -4.01 -8.55 -28.13
C CYS A 206 -4.28 -8.77 -26.65
N SER A 207 -3.33 -8.32 -25.81
CA SER A 207 -3.48 -8.30 -24.34
C SER A 207 -4.46 -7.19 -23.96
N ALA A 208 -5.35 -7.42 -22.99
CA ALA A 208 -6.30 -6.39 -22.49
C ALA A 208 -5.58 -5.36 -21.58
N GLY A 209 -4.43 -5.71 -21.02
CA GLY A 209 -3.64 -4.81 -20.16
C GLY A 209 -3.65 -5.25 -18.72
N ASN A 210 -2.80 -4.64 -17.87
CA ASN A 210 -2.56 -5.19 -16.51
C ASN A 210 -2.89 -4.16 -15.43
N SER A 211 -3.94 -3.35 -15.61
CA SER A 211 -4.33 -2.28 -14.69
C SER A 211 -5.56 -2.68 -13.86
N GLY A 212 -5.93 -3.96 -13.83
CA GLY A 212 -7.08 -4.39 -13.01
C GLY A 212 -6.77 -4.34 -11.51
N PRO A 213 -7.77 -4.53 -10.63
CA PRO A 213 -9.14 -4.86 -11.03
C PRO A 213 -10.11 -3.70 -11.31
N LYS A 214 -9.60 -2.46 -11.39
CA LYS A 214 -10.51 -1.32 -11.55
C LYS A 214 -11.10 -1.33 -12.95
N PRO A 215 -12.40 -0.95 -13.01
CA PRO A 215 -13.16 -0.88 -14.26
C PRO A 215 -12.59 0.11 -15.29
N LEU A 216 -12.92 -0.11 -16.55
CA LEU A 216 -12.66 0.76 -17.72
C LEU A 216 -11.19 0.74 -18.13
N THR A 217 -10.38 -0.21 -17.65
CA THR A 217 -8.92 -0.27 -17.89
C THR A 217 -8.55 -1.08 -19.14
N ALA A 218 -9.46 -1.88 -19.69
CA ALA A 218 -9.16 -2.70 -20.88
C ALA A 218 -8.66 -1.82 -22.03
N GLY A 219 -7.59 -2.25 -22.66
CA GLY A 219 -7.06 -1.64 -23.89
C GLY A 219 -7.01 -2.64 -25.04
N ASN A 220 -6.56 -2.15 -26.19
CA ASN A 220 -6.60 -2.92 -27.47
C ASN A 220 -8.05 -3.42 -27.63
N ILE A 221 -8.96 -2.47 -27.62
CA ILE A 221 -10.43 -2.71 -27.47
C ILE A 221 -11.14 -2.47 -28.81
N SER A 222 -10.44 -2.43 -29.95
CA SER A 222 -11.13 -2.35 -31.27
C SER A 222 -12.06 -3.57 -31.38
N PRO A 223 -13.29 -3.43 -31.91
CA PRO A 223 -14.14 -4.59 -32.19
C PRO A 223 -13.47 -5.66 -33.06
N TRP A 224 -12.55 -5.27 -33.93
CA TRP A 224 -11.87 -6.21 -34.89
C TRP A 224 -10.61 -6.84 -34.28
N ILE A 225 -10.33 -6.57 -33.00
CA ILE A 225 -9.26 -7.28 -32.25
C ILE A 225 -9.90 -8.27 -31.30
N LEU A 226 -9.26 -9.42 -31.11
CA LEU A 226 -9.56 -10.39 -30.06
C LEU A 226 -8.81 -9.98 -28.79
N THR A 227 -9.52 -9.30 -27.91
CA THR A 227 -8.97 -8.68 -26.68
C THR A 227 -8.96 -9.73 -25.57
N VAL A 228 -7.79 -10.05 -25.04
CA VAL A 228 -7.65 -11.23 -24.16
C VAL A 228 -7.30 -10.76 -22.74
N GLY A 229 -8.06 -11.25 -21.78
CA GLY A 229 -7.75 -11.08 -20.36
C GLY A 229 -7.07 -12.31 -19.77
N ALA A 230 -6.50 -12.20 -18.57
CA ALA A 230 -5.70 -13.28 -17.91
C ALA A 230 -6.49 -13.95 -16.79
N SER A 231 -6.31 -15.25 -16.63
CA SER A 231 -6.89 -16.04 -15.54
C SER A 231 -5.88 -17.06 -15.04
N THR A 232 -6.20 -17.65 -13.91
CA THR A 232 -5.37 -18.68 -13.22
C THR A 232 -5.65 -20.05 -13.83
N ILE A 233 -4.70 -20.97 -13.67
CA ILE A 233 -4.92 -22.42 -13.90
C ILE A 233 -4.82 -23.13 -12.56
N ASP A 234 -4.94 -24.45 -12.59
CA ASP A 234 -5.06 -25.31 -11.39
C ASP A 234 -3.67 -25.67 -10.85
N ARG A 235 -2.76 -24.69 -10.81
CA ARG A 235 -1.35 -24.91 -10.39
C ARG A 235 -0.93 -23.79 -9.42
N GLU A 236 -0.23 -24.20 -8.35
CA GLU A 236 0.43 -23.31 -7.35
C GLU A 236 1.87 -23.75 -7.17
N PHE A 237 2.73 -22.84 -6.70
CA PHE A 237 4.17 -23.10 -6.40
C PHE A 237 4.33 -22.86 -4.89
N ARG A 238 4.18 -23.92 -4.12
CA ARG A 238 3.80 -23.91 -2.69
C ARG A 238 5.00 -24.10 -1.75
N ALA A 239 5.11 -23.21 -0.76
CA ALA A 239 6.08 -23.27 0.37
C ALA A 239 5.31 -22.77 1.57
N ASP A 240 4.82 -23.68 2.39
CA ASP A 240 3.88 -23.39 3.49
C ASP A 240 4.70 -23.03 4.75
N VAL A 241 4.06 -22.31 5.66
CA VAL A 241 4.63 -21.99 7.01
C VAL A 241 3.93 -22.86 8.05
N VAL A 242 4.70 -23.57 8.87
CA VAL A 242 4.18 -24.24 10.10
C VAL A 242 4.81 -23.55 11.32
N LEU A 243 3.96 -23.10 12.25
CA LEU A 243 4.37 -22.50 13.53
C LEU A 243 4.55 -23.63 14.56
N GLY A 244 5.21 -23.33 15.68
CA GLY A 244 5.47 -24.30 16.77
C GLY A 244 4.21 -24.60 17.55
N ASP A 245 3.15 -23.82 17.38
CA ASP A 245 1.87 -24.03 18.10
C ASP A 245 0.93 -24.87 17.23
N GLY A 246 1.42 -25.31 16.07
CA GLY A 246 0.74 -26.27 15.17
C GLY A 246 -0.16 -25.61 14.11
N ARG A 247 -0.34 -24.29 14.10
CA ARG A 247 -1.08 -23.55 13.02
C ARG A 247 -0.27 -23.58 11.72
N THR A 248 -0.93 -23.72 10.56
CA THR A 248 -0.30 -23.83 9.21
C THR A 248 -0.88 -22.76 8.27
N PHE A 249 -0.06 -22.22 7.37
CA PHE A 249 -0.43 -21.11 6.44
C PHE A 249 0.14 -21.41 5.05
N LYS A 250 -0.73 -21.28 4.04
CA LYS A 250 -0.31 -21.39 2.61
C LYS A 250 0.74 -20.33 2.33
N GLY A 251 1.77 -20.71 1.59
CA GLY A 251 2.76 -19.76 1.06
C GLY A 251 3.14 -20.09 -0.34
N SER A 252 3.76 -19.13 -1.01
CA SER A 252 4.25 -19.22 -2.41
C SER A 252 5.74 -18.90 -2.48
N SER A 253 6.50 -19.70 -3.26
CA SER A 253 7.94 -19.48 -3.50
C SER A 253 8.41 -20.15 -4.79
N LEU A 254 9.30 -19.48 -5.53
CA LEU A 254 10.18 -20.06 -6.57
C LEU A 254 11.65 -20.06 -6.09
N TYR A 255 11.89 -20.24 -4.79
CA TYR A 255 13.24 -20.39 -4.19
C TYR A 255 14.04 -21.44 -4.99
N THR A 256 15.20 -21.07 -5.56
CA THR A 256 15.99 -21.94 -6.48
C THR A 256 17.25 -22.57 -5.84
N GLY A 257 17.56 -22.31 -4.56
CA GLY A 257 18.82 -22.71 -3.93
C GLY A 257 18.74 -24.07 -3.24
N GLU A 258 19.80 -24.45 -2.52
CA GLU A 258 19.84 -25.72 -1.73
C GLU A 258 18.67 -25.72 -0.75
N PRO A 259 17.94 -26.84 -0.57
CA PRO A 259 16.76 -26.84 0.29
C PRO A 259 17.15 -26.48 1.73
N LEU A 260 16.22 -25.92 2.49
CA LEU A 260 16.38 -25.66 3.95
C LEU A 260 16.17 -27.00 4.67
N GLN A 261 16.94 -27.25 5.74
CA GLN A 261 16.74 -28.38 6.69
C GLN A 261 15.25 -28.53 6.98
N ASP A 262 14.72 -29.74 7.05
CA ASP A 262 13.34 -30.00 7.53
C ASP A 262 13.31 -29.90 9.07
N GLU A 263 13.49 -28.70 9.62
CA GLU A 263 13.50 -28.46 11.09
C GLU A 263 12.82 -27.10 11.38
N PHE A 264 12.23 -26.96 12.58
CA PHE A 264 11.75 -25.68 13.17
C PHE A 264 12.95 -24.80 13.56
N PHE A 265 12.84 -23.51 13.29
CA PHE A 265 13.80 -22.45 13.64
C PHE A 265 13.12 -21.42 14.55
N PRO A 266 13.88 -20.71 15.40
CA PRO A 266 13.31 -19.62 16.16
C PRO A 266 12.83 -18.56 15.14
N LEU A 267 11.74 -17.91 15.46
CA LEU A 267 11.04 -16.99 14.56
C LEU A 267 11.11 -15.60 15.17
N VAL A 268 11.41 -14.59 14.36
CA VAL A 268 11.43 -13.17 14.81
C VAL A 268 10.93 -12.27 13.68
N TYR A 269 10.24 -11.21 14.07
CA TYR A 269 9.77 -10.15 13.14
C TYR A 269 10.85 -9.08 12.97
N ALA A 270 11.07 -8.64 11.74
CA ALA A 270 12.09 -7.64 11.36
C ALA A 270 11.84 -6.33 12.11
N GLY A 271 10.58 -6.03 12.44
CA GLY A 271 10.21 -4.81 13.18
C GLY A 271 10.72 -4.83 14.61
N TYR A 272 10.93 -6.04 15.15
CA TYR A 272 11.54 -6.24 16.48
C TYR A 272 13.06 -6.33 16.33
N ALA A 273 13.53 -7.03 15.33
CA ALA A 273 14.94 -7.48 15.28
C ALA A 273 15.83 -6.46 14.58
N GLY A 274 15.30 -5.32 14.17
CA GLY A 274 16.05 -4.40 13.31
C GLY A 274 15.39 -3.04 13.27
N SER A 275 15.98 -2.13 12.53
CA SER A 275 15.50 -0.72 12.43
C SER A 275 14.39 -0.61 11.37
N SER A 276 14.04 -1.69 10.66
CA SER A 276 13.04 -1.65 9.56
C SER A 276 12.23 -2.93 9.49
N ARG A 277 10.92 -2.82 9.55
CA ARG A 277 10.05 -3.99 9.24
C ARG A 277 10.17 -4.36 7.77
N PHE A 278 10.80 -3.54 6.92
CA PHE A 278 10.88 -3.78 5.47
C PHE A 278 12.17 -4.54 5.09
N CYS A 279 13.06 -4.83 6.05
CA CYS A 279 14.34 -5.59 5.83
C CYS A 279 15.17 -4.90 4.75
N THR A 280 15.28 -3.57 4.84
CA THR A 280 16.18 -2.75 4.01
C THR A 280 17.64 -3.04 4.39
N ASN A 281 18.53 -2.84 3.41
CA ASN A 281 20.00 -2.98 3.53
C ASN A 281 20.51 -2.47 4.89
N GLY A 282 21.10 -3.35 5.71
CA GLY A 282 21.76 -2.99 6.97
C GLY A 282 20.78 -2.71 8.11
N SER A 283 19.49 -3.01 7.98
CA SER A 283 18.47 -2.73 9.03
C SER A 283 18.45 -3.79 10.14
N LEU A 284 18.73 -5.07 9.85
CA LEU A 284 18.61 -6.16 10.85
C LEU A 284 19.83 -6.14 11.77
N ASP A 285 19.62 -6.38 13.07
CA ASP A 285 20.69 -6.61 14.06
C ASP A 285 21.03 -8.11 14.03
N SER A 286 22.24 -8.47 13.59
CA SER A 286 22.67 -9.89 13.43
C SER A 286 22.51 -10.66 14.74
N SER A 287 22.66 -10.00 15.89
CA SER A 287 22.57 -10.65 17.21
C SER A 287 21.11 -11.03 17.53
N LYS A 288 20.15 -10.49 16.79
CA LYS A 288 18.73 -10.82 17.07
C LYS A 288 18.20 -11.79 15.99
N VAL A 289 18.94 -12.07 14.91
CA VAL A 289 18.40 -12.85 13.75
C VAL A 289 19.30 -14.04 13.39
N GLN A 290 20.43 -14.25 14.07
CA GLN A 290 21.30 -15.47 13.92
C GLN A 290 20.50 -16.77 14.03
N GLY A 291 20.45 -17.53 12.91
CA GLY A 291 19.82 -18.85 12.82
C GLY A 291 18.30 -18.77 12.89
N LYS A 292 17.74 -17.58 12.64
CA LYS A 292 16.27 -17.35 12.83
C LYS A 292 15.58 -17.27 11.48
N ILE A 293 14.29 -17.63 11.43
CA ILE A 293 13.45 -17.20 10.29
C ILE A 293 12.93 -15.80 10.65
N VAL A 294 13.21 -14.85 9.77
CA VAL A 294 12.83 -13.42 9.88
C VAL A 294 11.61 -13.14 8.99
N ILE A 295 10.60 -12.52 9.58
CA ILE A 295 9.37 -12.02 8.92
C ILE A 295 9.66 -10.61 8.44
N CYS A 296 9.52 -10.37 7.14
CA CYS A 296 9.72 -9.06 6.49
C CYS A 296 8.38 -8.63 5.91
N ASP A 297 7.98 -7.36 6.08
CA ASP A 297 6.76 -6.80 5.42
C ASP A 297 7.10 -6.26 4.02
N ASN A 298 6.16 -6.37 3.10
CA ASN A 298 6.35 -5.92 1.69
C ASN A 298 6.63 -4.40 1.66
N GLY A 299 7.42 -3.96 0.69
CA GLY A 299 7.57 -2.52 0.38
C GLY A 299 9.02 -2.08 0.28
N ILE A 300 9.22 -0.91 -0.36
CA ILE A 300 10.49 -0.16 -0.56
C ILE A 300 11.37 -0.89 -1.57
N ILE A 301 11.68 -2.16 -1.31
CA ILE A 301 12.56 -3.03 -2.14
C ILE A 301 11.80 -4.31 -2.49
N SER A 302 12.28 -5.02 -3.50
CA SER A 302 11.74 -6.32 -3.96
C SER A 302 11.85 -7.34 -2.83
N ARG A 303 11.00 -8.38 -2.90
CA ARG A 303 10.97 -9.51 -1.96
C ARG A 303 12.33 -10.18 -1.92
N GLU A 304 12.94 -10.34 -3.09
CA GLU A 304 14.24 -11.02 -3.20
C GLU A 304 15.35 -10.17 -2.54
N GLU A 305 15.33 -8.85 -2.72
CA GLU A 305 16.34 -7.94 -2.11
C GLU A 305 16.21 -8.06 -0.57
N LYS A 306 15.02 -8.28 -0.03
CA LYS A 306 14.83 -8.49 1.44
C LYS A 306 15.53 -9.78 1.85
N GLY A 307 15.43 -10.84 1.03
CA GLY A 307 16.17 -12.09 1.29
C GLY A 307 17.68 -11.86 1.38
N ASN A 308 18.24 -10.98 0.56
CA ASN A 308 19.70 -10.63 0.67
C ASN A 308 20.01 -10.03 2.03
N GLU A 309 19.11 -9.20 2.58
CA GLU A 309 19.37 -8.56 3.90
C GLU A 309 19.31 -9.61 5.00
N VAL A 310 18.29 -10.48 4.98
CA VAL A 310 18.15 -11.54 6.01
C VAL A 310 19.42 -12.42 5.98
N ASN A 311 19.89 -12.74 4.78
CA ASN A 311 21.08 -13.60 4.55
C ASN A 311 22.32 -12.89 5.10
N ARG A 312 22.55 -11.64 4.70
CA ARG A 312 23.67 -10.78 5.21
C ARG A 312 23.73 -10.86 6.72
N ALA A 313 22.60 -10.86 7.42
CA ALA A 313 22.54 -10.66 8.89
C ALA A 313 22.63 -12.01 9.61
N GLY A 314 22.71 -13.13 8.88
CA GLY A 314 22.89 -14.46 9.46
C GLY A 314 21.59 -15.22 9.67
N GLY A 315 20.48 -14.80 9.06
CA GLY A 315 19.19 -15.49 9.21
C GLY A 315 19.19 -16.81 8.46
N ALA A 316 18.41 -17.79 8.90
CA ALA A 316 18.22 -19.11 8.25
C ALA A 316 17.23 -19.00 7.07
N GLY A 317 16.16 -18.22 7.25
CA GLY A 317 15.17 -18.02 6.17
C GLY A 317 14.34 -16.78 6.36
N MET A 318 13.36 -16.59 5.46
CA MET A 318 12.56 -15.35 5.42
C MET A 318 11.10 -15.69 5.11
N ILE A 319 10.18 -15.14 5.88
CA ILE A 319 8.74 -15.09 5.45
C ILE A 319 8.48 -13.65 5.02
N ASP A 320 8.24 -13.43 3.73
CA ASP A 320 7.78 -12.11 3.24
C ASP A 320 6.26 -12.04 3.39
N VAL A 321 5.73 -10.91 3.84
CA VAL A 321 4.28 -10.68 3.96
C VAL A 321 3.84 -9.69 2.89
N THR A 322 3.00 -10.12 1.96
CA THR A 322 2.55 -9.26 0.82
C THR A 322 1.54 -8.24 1.36
N ALA A 323 1.22 -7.22 0.54
CA ALA A 323 0.20 -6.20 0.85
C ALA A 323 -1.21 -6.72 0.53
N GLU A 324 -1.38 -7.88 -0.13
CA GLU A 324 -2.70 -8.34 -0.69
C GLU A 324 -3.16 -9.55 0.12
N ASP A 325 -4.44 -9.95 0.04
CA ASP A 325 -4.96 -11.19 0.69
C ASP A 325 -5.10 -12.33 -0.31
N PHE A 326 -4.31 -12.30 -1.36
CA PHE A 326 -4.14 -13.42 -2.31
C PHE A 326 -2.66 -13.49 -2.68
N LEU A 327 -2.22 -14.65 -3.17
CA LEU A 327 -0.83 -14.91 -3.62
C LEU A 327 -0.81 -15.14 -5.13
N ARG A 328 0.22 -14.64 -5.78
CA ARG A 328 0.58 -14.95 -7.18
C ARG A 328 2.03 -15.41 -7.17
N ALA A 329 2.29 -16.62 -7.68
CA ALA A 329 3.66 -17.18 -7.79
C ALA A 329 4.53 -16.26 -8.65
N GLY A 330 5.77 -16.04 -8.23
CA GLY A 330 6.71 -15.21 -8.99
C GLY A 330 7.97 -14.79 -8.24
N ASP A 331 8.29 -15.39 -7.07
CA ASP A 331 9.37 -14.96 -6.14
C ASP A 331 10.54 -15.96 -6.21
N ALA A 332 11.45 -15.67 -7.10
CA ALA A 332 12.67 -16.45 -7.40
C ALA A 332 13.72 -16.09 -6.36
N TYR A 333 13.45 -16.47 -5.12
CA TYR A 333 14.33 -16.22 -3.95
C TYR A 333 15.69 -16.88 -4.20
N LEU A 334 16.79 -16.19 -3.87
CA LEU A 334 18.17 -16.78 -3.89
C LEU A 334 18.46 -17.40 -2.53
N PHE A 335 17.68 -17.09 -1.48
CA PHE A 335 17.85 -17.66 -0.11
C PHE A 335 16.52 -18.21 0.37
N PRO A 336 16.51 -19.22 1.26
CA PRO A 336 15.26 -19.88 1.63
C PRO A 336 14.23 -18.89 2.16
N ALA A 337 13.10 -18.83 1.45
CA ALA A 337 12.00 -17.91 1.80
C ALA A 337 10.69 -18.34 1.14
N THR A 338 9.59 -17.84 1.67
CA THR A 338 8.22 -18.05 1.13
C THR A 338 7.44 -16.75 1.33
N THR A 339 6.39 -16.54 0.55
CA THR A 339 5.55 -15.32 0.54
C THR A 339 4.17 -15.71 1.08
N VAL A 340 3.65 -14.95 2.05
CA VAL A 340 2.31 -15.19 2.66
C VAL A 340 1.48 -13.92 2.50
N THR A 341 0.16 -14.05 2.68
CA THR A 341 -0.79 -12.93 2.50
C THR A 341 -0.63 -11.95 3.67
N LEU A 342 -1.10 -10.72 3.51
CA LEU A 342 -1.22 -9.70 4.59
C LEU A 342 -1.76 -10.31 5.88
N THR A 343 -2.94 -10.95 5.84
CA THR A 343 -3.65 -11.44 7.05
C THR A 343 -2.91 -12.62 7.68
N ASP A 344 -2.35 -13.54 6.89
CA ASP A 344 -1.58 -14.69 7.44
C ASP A 344 -0.29 -14.15 8.07
N GLY A 345 0.36 -13.22 7.38
CA GLY A 345 1.55 -12.51 7.86
C GLY A 345 1.33 -11.91 9.24
N TYR A 346 0.20 -11.26 9.48
CA TYR A 346 -0.03 -10.58 10.77
C TYR A 346 -0.18 -11.67 11.85
N GLU A 347 -0.84 -12.79 11.54
CA GLU A 347 -1.02 -13.90 12.53
C GLU A 347 0.36 -14.40 12.97
N ILE A 348 1.24 -14.61 12.00
CA ILE A 348 2.63 -15.11 12.19
C ILE A 348 3.42 -14.05 12.97
N GLU A 349 3.27 -12.77 12.61
CA GLU A 349 3.93 -11.63 13.31
C GLU A 349 3.51 -11.61 14.78
N TYR A 350 2.21 -11.62 15.06
CA TYR A 350 1.61 -11.51 16.41
C TYR A 350 2.03 -12.69 17.28
N TYR A 351 2.13 -13.89 16.70
CA TYR A 351 2.71 -15.09 17.33
C TYR A 351 4.18 -14.84 17.68
N SER A 352 4.97 -14.30 16.74
CA SER A 352 6.44 -14.07 16.90
C SER A 352 6.68 -13.13 18.09
N VAL A 353 5.76 -12.22 18.38
CA VAL A 353 5.96 -11.11 19.35
C VAL A 353 5.43 -11.53 20.72
N THR A 354 4.36 -12.33 20.78
CA THR A 354 3.60 -12.63 22.03
C THR A 354 3.92 -14.00 22.63
N SER A 355 4.40 -14.98 21.84
CA SER A 355 4.70 -16.36 22.30
C SER A 355 6.02 -16.40 23.06
N GLN A 356 6.09 -17.24 24.08
CA GLN A 356 7.31 -17.49 24.90
C GLN A 356 8.47 -17.85 23.96
N SER A 357 8.29 -18.83 23.07
CA SER A 357 9.43 -19.40 22.32
C SER A 357 9.02 -19.65 20.88
N PRO A 358 8.77 -18.59 20.09
CA PRO A 358 8.12 -18.76 18.79
C PRO A 358 9.09 -19.44 17.81
N THR A 359 8.58 -20.44 17.09
CA THR A 359 9.35 -21.16 16.06
C THR A 359 8.47 -21.35 14.83
N ALA A 360 9.08 -21.64 13.70
CA ALA A 360 8.41 -21.87 12.40
C ALA A 360 9.29 -22.78 11.54
N LYS A 361 8.62 -23.55 10.68
CA LYS A 361 9.26 -24.36 9.62
C LYS A 361 8.66 -23.88 8.31
N ILE A 362 9.47 -23.72 7.27
CA ILE A 362 8.99 -23.53 5.87
C ILE A 362 9.02 -24.88 5.13
N VAL A 363 7.86 -25.46 4.81
CA VAL A 363 7.73 -26.77 4.10
C VAL A 363 7.60 -26.50 2.58
N PHE A 364 8.68 -26.65 1.82
CA PHE A 364 8.77 -26.42 0.36
C PHE A 364 8.14 -27.60 -0.40
N LEU A 365 6.91 -27.44 -0.89
CA LEU A 365 6.09 -28.53 -1.50
C LEU A 365 6.29 -28.58 -3.02
N GLY A 366 6.84 -27.52 -3.61
CA GLY A 366 7.11 -27.40 -5.05
C GLY A 366 5.84 -27.11 -5.86
N THR A 367 5.86 -27.48 -7.14
CA THR A 367 4.71 -27.38 -8.09
C THR A 367 3.57 -28.30 -7.64
N VAL A 368 2.40 -27.75 -7.37
CA VAL A 368 1.20 -28.49 -6.92
C VAL A 368 0.07 -28.22 -7.93
N ILE A 369 -0.57 -29.30 -8.40
CA ILE A 369 -1.70 -29.31 -9.37
C ILE A 369 -2.87 -30.06 -8.71
N GLY A 370 -4.04 -29.42 -8.64
CA GLY A 370 -5.22 -29.92 -7.90
C GLY A 370 -6.36 -28.92 -7.92
N ASN A 371 -7.49 -29.27 -7.32
CA ASN A 371 -8.79 -28.56 -7.45
C ASN A 371 -8.97 -27.55 -6.31
N SER A 372 -7.92 -27.25 -5.55
CA SER A 372 -8.03 -26.23 -4.48
C SER A 372 -6.80 -25.33 -4.52
N PRO A 373 -6.95 -23.98 -4.68
CA PRO A 373 -8.24 -23.34 -4.92
C PRO A 373 -8.79 -23.65 -6.32
N PRO A 374 -10.12 -23.49 -6.53
CA PRO A 374 -10.72 -23.66 -7.85
C PRO A 374 -10.06 -22.80 -8.93
N ALA A 375 -10.24 -23.20 -10.18
CA ALA A 375 -9.65 -22.52 -11.36
C ALA A 375 -10.56 -22.75 -12.55
N PRO A 376 -10.62 -21.81 -13.52
CA PRO A 376 -9.84 -20.58 -13.52
C PRO A 376 -10.47 -19.50 -12.63
N LYS A 377 -9.67 -18.51 -12.25
CA LYS A 377 -10.11 -17.23 -11.64
C LYS A 377 -9.57 -16.11 -12.48
N VAL A 378 -10.33 -15.03 -12.62
CA VAL A 378 -9.81 -13.84 -13.34
C VAL A 378 -8.69 -13.24 -12.47
N ALA A 379 -7.55 -12.97 -13.08
CA ALA A 379 -6.36 -12.40 -12.40
C ALA A 379 -6.72 -11.03 -11.79
N SER A 380 -6.23 -10.73 -10.59
CA SER A 380 -6.49 -9.42 -9.97
C SER A 380 -6.06 -8.32 -10.93
N PHE A 381 -4.90 -8.47 -11.58
CA PHE A 381 -4.28 -7.43 -12.44
C PHE A 381 -4.92 -7.32 -13.83
N SER A 382 -5.71 -8.30 -14.28
CA SER A 382 -6.27 -8.29 -15.65
C SER A 382 -7.15 -7.06 -15.81
N SER A 383 -6.89 -6.27 -16.85
CA SER A 383 -7.65 -5.02 -17.13
C SER A 383 -9.11 -5.40 -17.44
N ARG A 384 -10.01 -4.50 -17.13
CA ARG A 384 -11.46 -4.80 -17.04
C ARG A 384 -12.23 -3.84 -17.94
N GLY A 385 -13.36 -4.30 -18.45
CA GLY A 385 -14.35 -3.43 -19.07
C GLY A 385 -15.02 -2.60 -17.96
N PRO A 386 -16.06 -1.81 -18.31
CA PRO A 386 -16.53 -1.62 -19.68
C PRO A 386 -15.49 -1.08 -20.67
N ASN A 387 -15.78 -1.23 -21.95
CA ASN A 387 -15.04 -0.55 -23.04
C ASN A 387 -15.13 0.96 -22.77
N LEU A 388 -14.00 1.62 -22.58
CA LEU A 388 -13.96 3.02 -22.09
C LEU A 388 -14.60 3.91 -23.16
N TRP A 389 -14.41 3.60 -24.45
CA TRP A 389 -14.81 4.52 -25.54
C TRP A 389 -16.18 4.20 -26.11
N THR A 390 -16.54 2.92 -26.22
CA THR A 390 -17.81 2.48 -26.86
C THR A 390 -18.51 1.54 -25.88
N PRO A 391 -19.36 2.08 -24.99
CA PRO A 391 -20.01 1.25 -23.97
C PRO A 391 -20.80 0.07 -24.59
N GLN A 392 -21.23 0.18 -25.85
CA GLN A 392 -22.10 -0.82 -26.53
C GLN A 392 -21.28 -2.02 -27.07
N ILE A 393 -19.97 -2.05 -26.85
CA ILE A 393 -19.11 -3.20 -27.23
C ILE A 393 -18.55 -3.74 -25.94
N LEU A 394 -18.91 -4.94 -25.53
CA LEU A 394 -18.29 -5.62 -24.36
C LEU A 394 -16.81 -5.88 -24.62
N LYS A 395 -15.98 -5.51 -23.66
CA LYS A 395 -14.55 -5.91 -23.61
C LYS A 395 -14.23 -6.27 -22.16
N PRO A 396 -13.27 -7.18 -21.90
CA PRO A 396 -12.55 -7.88 -22.96
C PRO A 396 -13.43 -8.96 -23.61
N ASP A 397 -12.88 -9.76 -24.55
CA ASP A 397 -13.65 -10.78 -25.32
C ASP A 397 -13.54 -12.16 -24.68
N VAL A 398 -12.36 -12.54 -24.21
CA VAL A 398 -12.15 -13.87 -23.59
C VAL A 398 -11.07 -13.76 -22.51
N ILE A 399 -10.95 -14.82 -21.71
CA ILE A 399 -9.78 -15.02 -20.82
C ILE A 399 -9.07 -16.33 -21.19
N ALA A 400 -7.78 -16.39 -20.86
CA ALA A 400 -6.88 -17.53 -21.12
C ALA A 400 -5.77 -17.53 -20.05
N PRO A 401 -5.03 -18.64 -19.87
CA PRO A 401 -4.00 -18.70 -18.83
C PRO A 401 -2.97 -17.56 -18.94
N GLY A 402 -2.79 -16.81 -17.84
CA GLY A 402 -1.87 -15.67 -17.80
C GLY A 402 -1.24 -15.47 -16.42
N VAL A 403 -1.35 -16.45 -15.51
CA VAL A 403 -0.75 -16.34 -14.17
C VAL A 403 0.28 -17.46 -14.00
N ALA A 404 1.55 -17.10 -13.87
CA ALA A 404 2.69 -18.02 -13.56
C ALA A 404 2.78 -19.12 -14.64
N ILE A 405 3.06 -18.65 -15.85
CA ILE A 405 3.13 -19.44 -17.12
C ILE A 405 4.62 -19.67 -17.42
N LEU A 406 4.99 -20.93 -17.62
CA LEU A 406 6.40 -21.28 -18.03
C LEU A 406 6.54 -21.20 -19.55
N ALA A 407 7.45 -20.37 -20.02
CA ALA A 407 7.82 -20.31 -21.44
C ALA A 407 9.28 -19.89 -21.53
N GLY A 408 9.73 -19.57 -22.74
CA GLY A 408 11.11 -19.26 -23.12
C GLY A 408 11.53 -17.88 -22.61
N TRP A 409 12.81 -17.72 -22.27
CA TRP A 409 13.33 -16.47 -21.68
C TRP A 409 14.60 -16.03 -22.44
N SER A 410 15.04 -14.79 -22.23
CA SER A 410 16.27 -14.24 -22.84
C SER A 410 17.48 -14.79 -22.09
N GLY A 411 18.54 -15.15 -22.81
CA GLY A 411 19.82 -15.57 -22.20
C GLY A 411 20.57 -14.40 -21.59
N ALA A 412 20.24 -13.16 -21.93
CA ALA A 412 20.87 -11.93 -21.40
C ALA A 412 20.09 -11.32 -20.22
N ALA A 413 19.21 -12.07 -19.52
CA ALA A 413 18.32 -11.52 -18.47
C ALA A 413 18.22 -12.50 -17.31
N HIS A 414 18.51 -12.01 -16.10
CA HIS A 414 18.39 -12.79 -14.84
C HIS A 414 16.94 -12.68 -14.39
N PRO A 415 16.41 -13.67 -13.64
CA PRO A 415 15.07 -13.60 -13.08
C PRO A 415 14.75 -12.32 -12.25
N THR A 416 15.77 -11.66 -11.69
CA THR A 416 15.65 -10.42 -10.88
C THR A 416 16.75 -9.44 -11.29
N ASP A 417 16.69 -8.19 -10.82
CA ASP A 417 17.78 -7.20 -11.04
C ASP A 417 18.68 -7.14 -9.80
N LEU A 418 18.72 -8.19 -8.96
CA LEU A 418 19.71 -8.29 -7.85
C LEU A 418 21.14 -8.42 -8.41
N ASP A 419 22.08 -7.66 -7.86
CA ASP A 419 23.53 -7.72 -8.19
C ASP A 419 24.03 -9.16 -8.15
N ASN A 420 23.67 -9.92 -7.12
CA ASN A 420 24.15 -11.31 -6.88
C ASN A 420 23.27 -12.35 -7.61
N ASP A 421 22.38 -11.92 -8.52
CA ASP A 421 21.57 -12.85 -9.35
C ASP A 421 22.32 -13.06 -10.67
N ASP A 422 22.90 -14.25 -10.84
CA ASP A 422 23.70 -14.61 -12.04
C ASP A 422 22.95 -15.68 -12.85
N ARG A 423 21.73 -16.06 -12.43
CA ARG A 423 20.94 -17.17 -13.02
C ARG A 423 20.59 -16.83 -14.46
N ILE A 424 20.86 -17.78 -15.35
CA ILE A 424 20.53 -17.75 -16.81
C ILE A 424 19.66 -18.98 -17.03
N VAL A 425 18.44 -18.78 -17.53
CA VAL A 425 17.43 -19.88 -17.61
C VAL A 425 16.87 -19.90 -19.02
N GLN A 426 16.51 -21.09 -19.46
CA GLN A 426 15.89 -21.28 -20.79
C GLN A 426 14.40 -20.90 -20.66
N PHE A 427 13.84 -21.15 -19.47
CA PHE A 427 12.39 -21.10 -19.16
C PHE A 427 12.15 -20.40 -17.82
N TRP A 428 11.26 -19.40 -17.86
CA TRP A 428 10.93 -18.53 -16.69
C TRP A 428 9.40 -18.53 -16.51
N LEU A 429 8.94 -18.42 -15.28
CA LEU A 429 7.49 -18.28 -14.94
C LEU A 429 7.13 -16.80 -14.95
N ASP A 430 6.11 -16.42 -15.72
CA ASP A 430 5.77 -14.98 -15.88
C ASP A 430 4.24 -14.79 -15.90
N SER A 431 3.77 -13.58 -15.56
CA SER A 431 2.33 -13.31 -15.35
C SER A 431 1.96 -12.05 -16.13
N GLY A 432 0.78 -12.05 -16.73
CA GLY A 432 0.27 -10.85 -17.43
C GLY A 432 -0.85 -11.23 -18.38
N THR A 433 -1.58 -10.25 -18.87
CA THR A 433 -2.42 -10.43 -20.07
C THR A 433 -1.47 -10.74 -21.24
N SER A 434 -0.19 -10.29 -21.15
CA SER A 434 0.94 -10.68 -22.05
C SER A 434 1.04 -12.20 -22.24
N MET A 435 0.79 -12.98 -21.21
CA MET A 435 0.95 -14.46 -21.22
C MET A 435 -0.36 -15.07 -21.75
N ALA A 436 -1.47 -14.37 -21.55
CA ALA A 436 -2.80 -14.90 -21.95
C ALA A 436 -2.95 -14.80 -23.46
N CYS A 437 -2.61 -13.64 -24.02
CA CYS A 437 -2.78 -13.27 -25.43
C CYS A 437 -2.16 -14.33 -26.34
N PRO A 438 -0.87 -14.73 -26.18
CA PRO A 438 -0.26 -15.73 -27.05
C PRO A 438 -0.88 -17.13 -26.91
N HIS A 439 -1.49 -17.48 -25.77
CA HIS A 439 -2.27 -18.74 -25.67
C HIS A 439 -3.38 -18.67 -26.73
N VAL A 440 -4.10 -17.54 -26.79
CA VAL A 440 -5.20 -17.31 -27.77
C VAL A 440 -4.59 -17.23 -29.18
N SER A 441 -3.44 -16.57 -29.40
CA SER A 441 -2.84 -16.44 -30.75
C SER A 441 -2.51 -17.83 -31.30
N GLY A 442 -2.03 -18.72 -30.42
CA GLY A 442 -1.74 -20.12 -30.78
C GLY A 442 -3.01 -20.90 -31.12
N ILE A 443 -4.05 -20.77 -30.29
CA ILE A 443 -5.37 -21.45 -30.54
C ILE A 443 -5.96 -20.96 -31.87
N VAL A 444 -5.86 -19.65 -32.15
CA VAL A 444 -6.35 -18.99 -33.39
C VAL A 444 -5.58 -19.56 -34.61
N ALA A 445 -4.26 -19.72 -34.51
CA ALA A 445 -3.46 -20.41 -35.55
C ALA A 445 -4.06 -21.79 -35.86
N LEU A 446 -4.40 -22.56 -34.83
CA LEU A 446 -4.96 -23.93 -34.94
C LEU A 446 -6.30 -23.85 -35.70
N LEU A 447 -7.15 -22.88 -35.37
CA LEU A 447 -8.49 -22.75 -35.98
C LEU A 447 -8.30 -22.30 -37.45
N ARG A 448 -7.32 -21.48 -37.71
CA ARG A 448 -7.01 -21.02 -39.08
C ARG A 448 -6.69 -22.25 -39.93
N LYS A 449 -5.95 -23.20 -39.39
CA LYS A 449 -5.52 -24.39 -40.17
C LYS A 449 -6.73 -25.30 -40.37
N ALA A 450 -7.58 -25.46 -39.36
CA ALA A 450 -8.77 -26.35 -39.40
C ALA A 450 -9.78 -25.71 -40.35
N HIS A 451 -9.80 -24.39 -40.45
CA HIS A 451 -10.86 -23.64 -41.16
C HIS A 451 -10.29 -22.57 -42.04
N PRO A 452 -9.61 -22.94 -43.15
CA PRO A 452 -8.91 -21.95 -43.94
C PRO A 452 -9.81 -20.89 -44.56
N SER A 453 -11.09 -21.22 -44.81
CA SER A 453 -12.01 -20.27 -45.50
C SER A 453 -12.66 -19.28 -44.50
N TRP A 454 -12.61 -19.50 -43.19
CA TRP A 454 -13.29 -18.58 -42.22
C TRP A 454 -12.65 -17.19 -42.26
N SER A 455 -13.47 -16.16 -42.12
CA SER A 455 -13.02 -14.77 -41.90
C SER A 455 -12.32 -14.69 -40.52
N ALA A 456 -11.56 -13.61 -40.28
CA ALA A 456 -10.99 -13.33 -38.95
C ALA A 456 -12.14 -13.27 -37.93
N ALA A 457 -13.23 -12.58 -38.27
CA ALA A 457 -14.39 -12.42 -37.35
C ALA A 457 -14.94 -13.81 -36.98
N ALA A 458 -14.98 -14.76 -37.91
CA ALA A 458 -15.63 -16.09 -37.70
C ALA A 458 -14.78 -16.92 -36.76
N ILE A 459 -13.46 -16.83 -36.90
CA ILE A 459 -12.52 -17.52 -35.97
C ILE A 459 -12.70 -16.98 -34.55
N LYS A 460 -12.70 -15.65 -34.40
CA LYS A 460 -12.96 -15.05 -33.08
C LYS A 460 -14.33 -15.48 -32.53
N SER A 461 -15.35 -15.42 -33.35
CA SER A 461 -16.75 -15.73 -32.94
C SER A 461 -16.75 -17.12 -32.32
N ALA A 462 -16.09 -18.05 -32.97
CA ALA A 462 -16.01 -19.48 -32.59
C ALA A 462 -15.41 -19.61 -31.19
N LEU A 463 -14.35 -18.85 -30.89
CA LEU A 463 -13.73 -18.86 -29.53
C LEU A 463 -14.69 -18.26 -28.48
N MET A 464 -15.44 -17.24 -28.84
CA MET A 464 -16.30 -16.51 -27.88
C MET A 464 -17.56 -17.34 -27.57
N THR A 465 -18.19 -17.91 -28.60
CA THR A 465 -19.53 -18.55 -28.44
C THR A 465 -19.41 -19.95 -27.88
N THR A 466 -18.18 -20.48 -27.79
CA THR A 466 -17.89 -21.75 -27.07
C THR A 466 -17.14 -21.52 -25.74
N ALA A 467 -16.82 -20.30 -25.36
CA ALA A 467 -16.00 -20.02 -24.16
C ALA A 467 -16.81 -20.44 -22.95
N TYR A 468 -16.16 -20.99 -21.92
CA TYR A 468 -16.85 -21.52 -20.73
C TYR A 468 -16.83 -20.46 -19.60
N ASN A 469 -17.77 -20.60 -18.68
CA ASN A 469 -18.07 -19.57 -17.65
C ASN A 469 -18.12 -20.17 -16.25
N LEU A 470 -17.99 -21.48 -16.09
CA LEU A 470 -17.92 -22.17 -14.78
C LEU A 470 -16.47 -22.58 -14.51
N ASP A 471 -16.08 -22.51 -13.25
CA ASP A 471 -14.76 -23.02 -12.81
C ASP A 471 -14.89 -24.53 -12.55
N ASN A 472 -13.78 -25.17 -12.20
CA ASN A 472 -13.70 -26.65 -12.08
C ASN A 472 -14.42 -27.12 -10.82
N SER A 473 -15.06 -26.22 -10.05
CA SER A 473 -15.97 -26.52 -8.93
C SER A 473 -17.43 -26.43 -9.35
N GLY A 474 -17.73 -25.92 -10.56
CA GLY A 474 -19.11 -25.79 -11.05
C GLY A 474 -19.75 -24.47 -10.69
N GLU A 475 -19.00 -23.49 -10.19
CA GLU A 475 -19.52 -22.13 -9.84
C GLU A 475 -19.08 -21.15 -10.92
N THR A 476 -19.79 -20.03 -11.07
CA THR A 476 -19.35 -19.00 -12.02
C THR A 476 -17.89 -18.65 -11.73
N ILE A 477 -17.06 -18.55 -12.76
CA ILE A 477 -15.63 -18.13 -12.63
C ILE A 477 -15.58 -16.90 -11.71
N THR A 478 -14.71 -16.94 -10.70
CA THR A 478 -14.58 -15.87 -9.68
C THR A 478 -13.47 -14.90 -10.10
N ASP A 479 -13.45 -13.77 -9.44
CA ASP A 479 -12.40 -12.74 -9.56
C ASP A 479 -11.43 -12.91 -8.40
N VAL A 480 -10.12 -13.06 -8.66
CA VAL A 480 -9.10 -13.12 -7.56
C VAL A 480 -9.29 -11.92 -6.64
N ALA A 481 -9.62 -10.75 -7.19
CA ALA A 481 -9.68 -9.47 -6.44
C ALA A 481 -10.81 -9.45 -5.40
N THR A 482 -11.91 -10.16 -5.62
CA THR A 482 -13.11 -10.12 -4.74
C THR A 482 -13.34 -11.46 -4.02
N SER A 483 -12.82 -12.59 -4.50
CA SER A 483 -13.28 -13.96 -4.10
C SER A 483 -14.75 -14.21 -4.43
N ASN A 484 -15.36 -13.38 -5.28
CA ASN A 484 -16.78 -13.49 -5.66
C ASN A 484 -16.89 -13.78 -7.15
N ALA A 485 -18.07 -14.20 -7.59
CA ALA A 485 -18.36 -14.40 -9.02
C ALA A 485 -17.85 -13.20 -9.83
N SER A 486 -17.15 -13.44 -10.91
CA SER A 486 -16.74 -12.37 -11.82
C SER A 486 -17.93 -11.96 -12.67
N THR A 487 -17.77 -10.94 -13.50
CA THR A 487 -18.76 -10.53 -14.52
C THR A 487 -18.15 -10.57 -15.91
N PRO A 488 -18.98 -10.45 -16.97
CA PRO A 488 -18.44 -10.30 -18.33
C PRO A 488 -17.44 -9.14 -18.50
N PHE A 489 -17.46 -8.10 -17.66
CA PHE A 489 -16.46 -7.02 -17.76
C PHE A 489 -15.10 -7.56 -17.33
N ASP A 490 -15.08 -8.69 -16.64
CA ASP A 490 -13.84 -9.33 -16.13
C ASP A 490 -13.42 -10.43 -17.11
N ARG A 491 -14.38 -11.27 -17.56
CA ARG A 491 -14.07 -12.55 -18.27
C ARG A 491 -14.56 -12.55 -19.73
N GLY A 492 -15.14 -11.46 -20.23
CA GLY A 492 -15.75 -11.40 -21.56
C GLY A 492 -16.79 -12.51 -21.71
N ALA A 493 -16.73 -13.25 -22.81
CA ALA A 493 -17.66 -14.34 -23.12
C ALA A 493 -17.26 -15.59 -22.34
N GLY A 494 -16.09 -15.54 -21.71
CA GLY A 494 -15.60 -16.61 -20.83
C GLY A 494 -14.19 -17.09 -21.21
N HIS A 495 -13.83 -18.27 -20.72
CA HIS A 495 -12.48 -18.89 -20.88
C HIS A 495 -12.46 -19.69 -22.16
N VAL A 496 -11.43 -19.51 -22.97
CA VAL A 496 -11.30 -20.23 -24.28
C VAL A 496 -11.45 -21.74 -24.05
N HIS A 497 -12.12 -22.43 -24.97
CA HIS A 497 -12.39 -23.90 -24.93
C HIS A 497 -12.05 -24.42 -26.33
N PRO A 498 -10.75 -24.62 -26.62
CA PRO A 498 -10.30 -24.85 -27.99
C PRO A 498 -10.98 -26.00 -28.75
N ASP A 499 -11.21 -27.15 -28.10
CA ASP A 499 -11.85 -28.33 -28.73
C ASP A 499 -13.31 -28.00 -29.08
N SER A 500 -14.00 -27.20 -28.27
CA SER A 500 -15.37 -26.74 -28.59
C SER A 500 -15.34 -25.71 -29.73
N ALA A 501 -14.36 -24.80 -29.75
CA ALA A 501 -14.24 -23.72 -30.75
C ALA A 501 -14.02 -24.30 -32.16
N LEU A 502 -13.51 -25.52 -32.26
CA LEU A 502 -13.30 -26.16 -33.57
C LEU A 502 -14.66 -26.32 -34.27
N ASP A 503 -15.74 -26.51 -33.51
CA ASP A 503 -17.08 -26.89 -34.08
C ASP A 503 -18.16 -26.04 -33.42
N PRO A 504 -18.23 -24.72 -33.73
CA PRO A 504 -19.12 -23.82 -33.02
C PRO A 504 -20.56 -23.85 -33.54
N GLY A 505 -20.79 -24.39 -34.74
CA GLY A 505 -22.16 -24.47 -35.33
C GLY A 505 -22.52 -23.21 -36.09
N LEU A 506 -22.65 -22.09 -35.39
CA LEU A 506 -22.91 -20.78 -35.99
C LEU A 506 -21.75 -19.84 -35.68
N VAL A 507 -21.58 -18.81 -36.51
CA VAL A 507 -20.64 -17.68 -36.25
C VAL A 507 -21.37 -16.38 -36.57
N TYR A 508 -20.95 -15.35 -35.85
CA TYR A 508 -21.30 -13.94 -36.10
C TYR A 508 -20.20 -13.35 -36.99
N ASP A 509 -20.47 -13.24 -38.28
CA ASP A 509 -19.46 -12.79 -39.26
C ASP A 509 -19.57 -11.27 -39.45
N SER A 510 -18.45 -10.67 -39.82
CA SER A 510 -18.23 -9.22 -40.01
C SER A 510 -17.13 -9.02 -41.05
N ASP A 511 -17.18 -7.91 -41.78
CA ASP A 511 -16.15 -7.57 -42.79
C ASP A 511 -15.73 -6.09 -42.64
N THR A 512 -14.78 -5.66 -43.48
CA THR A 512 -14.23 -4.29 -43.43
C THR A 512 -15.36 -3.29 -43.57
N GLU A 513 -16.34 -3.54 -44.42
CA GLU A 513 -17.43 -2.55 -44.60
C GLU A 513 -18.24 -2.40 -43.30
N ASP A 514 -18.45 -3.49 -42.54
CA ASP A 514 -19.13 -3.39 -41.21
C ASP A 514 -18.31 -2.47 -40.30
N TYR A 515 -16.99 -2.58 -40.34
CA TYR A 515 -16.07 -1.76 -39.49
C TYR A 515 -16.11 -0.29 -39.88
N VAL A 516 -16.26 0.04 -41.16
CA VAL A 516 -16.43 1.46 -41.59
C VAL A 516 -17.74 1.96 -41.02
N SER A 517 -18.82 1.17 -41.12
CA SER A 517 -20.14 1.53 -40.55
C SER A 517 -20.00 1.79 -39.04
N PHE A 518 -19.13 1.04 -38.35
CA PHE A 518 -18.87 1.23 -36.89
C PHE A 518 -18.15 2.57 -36.66
N LEU A 519 -17.13 2.88 -37.49
CA LEU A 519 -16.35 4.13 -37.37
C LEU A 519 -17.27 5.32 -37.59
N CYS A 520 -18.25 5.17 -38.49
CA CYS A 520 -19.30 6.17 -38.77
C CYS A 520 -20.23 6.29 -37.57
N ALA A 521 -20.68 5.16 -37.00
CA ALA A 521 -21.62 5.12 -35.85
C ALA A 521 -21.03 5.82 -34.61
N ILE A 522 -19.72 5.77 -34.41
CA ILE A 522 -19.08 6.34 -33.19
C ILE A 522 -18.72 7.81 -33.44
N GLY A 523 -19.01 8.32 -34.64
CA GLY A 523 -19.00 9.77 -34.95
C GLY A 523 -17.67 10.26 -35.51
N TYR A 524 -16.79 9.38 -35.98
CA TYR A 524 -15.54 9.77 -36.69
C TYR A 524 -15.89 10.50 -37.99
N ASN A 525 -15.22 11.62 -38.26
CA ASN A 525 -15.40 12.34 -39.54
C ASN A 525 -14.53 11.64 -40.58
N SER A 526 -14.66 12.08 -41.84
CA SER A 526 -14.00 11.48 -43.01
C SER A 526 -12.49 11.43 -42.77
N THR A 527 -11.93 12.42 -42.08
CA THR A 527 -10.47 12.51 -41.86
C THR A 527 -10.04 11.31 -41.01
N LEU A 528 -10.78 11.06 -39.92
CA LEU A 528 -10.42 9.95 -39.00
C LEU A 528 -10.68 8.61 -39.72
N ILE A 529 -11.74 8.49 -40.54
CA ILE A 529 -12.01 7.20 -41.23
C ILE A 529 -10.85 6.88 -42.17
N GLY A 530 -10.29 7.93 -42.79
CA GLY A 530 -9.16 7.85 -43.74
C GLY A 530 -7.90 7.31 -43.08
N ILE A 531 -7.69 7.57 -41.80
CA ILE A 531 -6.57 6.91 -41.04
C ILE A 531 -6.72 5.39 -41.18
N PHE A 532 -7.94 4.87 -41.17
CA PHE A 532 -8.19 3.41 -41.18
C PHE A 532 -8.17 2.86 -42.61
N THR A 533 -8.91 3.50 -43.52
CA THR A 533 -9.11 3.03 -44.92
C THR A 533 -7.89 3.38 -45.78
N GLY A 534 -7.04 4.31 -45.35
CA GLY A 534 -5.76 4.66 -46.01
C GLY A 534 -5.97 5.49 -47.26
N GLU A 535 -7.11 6.18 -47.34
CA GLU A 535 -7.48 7.09 -48.45
C GLU A 535 -8.14 8.33 -47.86
N VAL A 536 -8.19 9.42 -48.63
CA VAL A 536 -8.97 10.64 -48.27
C VAL A 536 -10.39 10.37 -48.76
N PRO A 537 -11.33 9.97 -47.87
CA PRO A 537 -12.68 9.68 -48.33
C PRO A 537 -13.39 11.02 -48.55
N PRO A 538 -14.52 11.06 -49.28
CA PRO A 538 -15.35 12.27 -49.31
C PRO A 538 -15.92 12.59 -47.92
N SER A 539 -16.21 13.87 -47.65
CA SER A 539 -16.70 14.38 -46.34
C SER A 539 -18.02 13.69 -45.94
N ASP A 540 -18.81 13.25 -46.91
CA ASP A 540 -20.21 12.75 -46.73
C ASP A 540 -20.21 11.20 -46.74
N ILE A 541 -19.04 10.56 -46.62
CA ILE A 541 -18.88 9.08 -46.71
C ILE A 541 -19.90 8.37 -45.81
N CYS A 542 -20.13 8.85 -44.59
CA CYS A 542 -20.99 8.17 -43.59
C CYS A 542 -22.47 8.22 -43.99
N ASP A 543 -22.83 9.04 -44.99
CA ASP A 543 -24.19 9.01 -45.60
C ASP A 543 -24.49 7.59 -46.11
N ASN A 544 -23.44 6.84 -46.48
CA ASN A 544 -23.55 5.52 -47.15
C ASN A 544 -23.58 4.38 -46.15
N TYR A 545 -23.62 4.66 -44.83
CA TYR A 545 -23.57 3.66 -43.74
C TYR A 545 -24.73 3.95 -42.79
N LYS A 546 -25.45 2.92 -42.34
CA LYS A 546 -26.72 3.12 -41.57
C LYS A 546 -26.79 2.11 -40.41
N LEU A 547 -25.68 1.95 -39.70
CA LEU A 547 -25.58 0.96 -38.60
C LEU A 547 -26.53 1.34 -37.46
N GLY A 548 -26.67 2.64 -37.18
CA GLY A 548 -27.33 3.15 -35.95
C GLY A 548 -26.41 3.00 -34.75
N SER A 549 -26.89 2.38 -33.67
CA SER A 549 -26.07 2.11 -32.46
C SER A 549 -24.81 1.36 -32.86
N PRO A 550 -23.65 1.66 -32.24
CA PRO A 550 -22.49 0.77 -32.36
C PRO A 550 -22.77 -0.69 -31.93
N GLY A 551 -23.73 -0.89 -31.04
CA GLY A 551 -24.18 -2.22 -30.58
C GLY A 551 -24.86 -3.05 -31.66
N ASN A 552 -25.19 -2.46 -32.82
CA ASN A 552 -25.74 -3.17 -34.00
C ASN A 552 -24.62 -3.78 -34.86
N LEU A 553 -23.35 -3.51 -34.60
CA LEU A 553 -22.26 -4.24 -35.26
C LEU A 553 -22.43 -5.71 -34.92
N ASN A 554 -22.39 -6.57 -35.93
CA ASN A 554 -22.57 -8.04 -35.75
C ASN A 554 -21.41 -8.54 -34.87
N TYR A 555 -21.68 -8.81 -33.61
CA TYR A 555 -20.64 -9.07 -32.57
C TYR A 555 -21.13 -10.25 -31.74
N PRO A 556 -20.25 -11.17 -31.26
CA PRO A 556 -20.71 -12.35 -30.56
C PRO A 556 -21.19 -12.10 -29.12
N SER A 557 -21.16 -10.84 -28.67
CA SER A 557 -21.63 -10.45 -27.32
C SER A 557 -22.50 -9.22 -27.42
N PHE A 558 -23.19 -8.90 -26.32
CA PHE A 558 -24.15 -7.81 -26.20
C PHE A 558 -23.74 -6.93 -25.03
N SER A 559 -23.77 -5.63 -25.28
CA SER A 559 -23.54 -4.57 -24.26
C SER A 559 -24.55 -3.45 -24.50
N VAL A 560 -25.32 -3.17 -23.47
CA VAL A 560 -26.43 -2.19 -23.45
C VAL A 560 -26.06 -1.09 -22.44
N ALA A 561 -26.14 0.17 -22.87
CA ALA A 561 -25.99 1.34 -21.98
C ALA A 561 -27.34 2.08 -21.95
N PHE A 562 -28.16 1.80 -20.96
CA PHE A 562 -29.48 2.47 -20.79
C PHE A 562 -29.26 3.94 -20.38
N GLU A 563 -29.84 4.89 -21.14
CA GLU A 563 -29.83 6.36 -20.85
C GLU A 563 -30.84 6.72 -19.74
N GLY A 564 -31.83 5.86 -19.46
CA GLY A 564 -32.92 6.11 -18.49
C GLY A 564 -33.57 4.83 -17.97
N ASP A 565 -34.39 4.96 -16.92
CA ASP A 565 -34.86 3.84 -16.06
C ASP A 565 -35.84 2.93 -16.80
N THR A 566 -36.57 3.44 -17.82
CA THR A 566 -37.61 2.71 -18.62
C THR A 566 -37.19 2.61 -20.11
N SER A 567 -35.91 2.85 -20.41
CA SER A 567 -35.30 2.74 -21.76
C SER A 567 -35.47 1.31 -22.34
N ASN A 568 -35.52 1.23 -23.66
CA ASN A 568 -35.55 -0.07 -24.37
C ASN A 568 -34.64 0.06 -25.59
N VAL A 569 -33.90 -0.99 -25.83
CA VAL A 569 -32.83 -1.02 -26.87
C VAL A 569 -33.02 -2.33 -27.65
N THR A 570 -32.99 -2.22 -28.99
CA THR A 570 -33.08 -3.38 -29.91
C THR A 570 -31.79 -3.43 -30.70
N TYR A 571 -31.14 -4.61 -30.75
CA TYR A 571 -30.00 -4.84 -31.64
C TYR A 571 -30.32 -5.93 -32.67
N LYS A 572 -29.67 -5.83 -33.82
CA LYS A 572 -29.75 -6.83 -34.92
C LYS A 572 -28.50 -7.70 -34.90
N ARG A 573 -28.64 -8.99 -35.14
CA ARG A 573 -27.49 -9.90 -35.36
C ARG A 573 -27.79 -10.79 -36.57
N THR A 574 -26.74 -11.32 -37.18
CA THR A 574 -26.79 -12.34 -38.26
C THR A 574 -25.87 -13.51 -37.93
N VAL A 575 -26.43 -14.69 -37.89
CA VAL A 575 -25.68 -15.94 -37.65
C VAL A 575 -25.53 -16.72 -38.96
N THR A 576 -24.35 -17.26 -39.16
CA THR A 576 -24.00 -18.07 -40.34
C THR A 576 -23.72 -19.50 -39.91
N ASN A 577 -24.38 -20.48 -40.53
CA ASN A 577 -24.14 -21.90 -40.26
C ASN A 577 -22.78 -22.32 -40.82
N VAL A 578 -21.89 -22.82 -39.98
CA VAL A 578 -20.57 -23.32 -40.41
C VAL A 578 -20.51 -24.78 -40.04
N GLY A 579 -21.63 -25.39 -39.63
CA GLY A 579 -21.67 -26.82 -39.31
C GLY A 579 -21.68 -27.67 -40.59
N SER A 580 -21.44 -28.96 -40.49
CA SER A 580 -21.32 -29.89 -41.64
C SER A 580 -22.70 -30.18 -42.22
N SER A 581 -23.77 -30.05 -41.45
CA SER A 581 -25.13 -30.24 -41.96
C SER A 581 -25.73 -28.89 -42.32
N SER A 582 -26.29 -28.79 -43.52
CA SER A 582 -26.91 -27.54 -44.03
C SER A 582 -28.32 -27.39 -43.45
N ASP A 583 -28.97 -28.51 -43.11
CA ASP A 583 -30.37 -28.54 -42.62
C ASP A 583 -30.28 -28.71 -41.10
N VAL A 584 -30.37 -27.59 -40.39
CA VAL A 584 -30.20 -27.57 -38.92
C VAL A 584 -31.15 -26.52 -38.36
N VAL A 585 -31.70 -26.82 -37.18
CA VAL A 585 -32.67 -25.93 -36.51
C VAL A 585 -32.13 -25.53 -35.13
N TYR A 586 -32.06 -24.24 -34.88
CA TYR A 586 -31.58 -23.69 -33.61
C TYR A 586 -32.77 -23.03 -32.88
N ARG A 587 -32.79 -23.19 -31.57
CA ARG A 587 -33.76 -22.56 -30.66
C ARG A 587 -32.98 -21.70 -29.68
N VAL A 588 -33.50 -20.51 -29.39
CA VAL A 588 -32.85 -19.58 -28.43
C VAL A 588 -33.27 -19.96 -27.00
N LYS A 589 -32.37 -19.87 -26.06
CA LYS A 589 -32.65 -19.85 -24.60
C LYS A 589 -32.11 -18.52 -24.04
N VAL A 590 -32.92 -17.81 -23.25
CA VAL A 590 -32.57 -16.49 -22.66
C VAL A 590 -32.41 -16.62 -21.14
N ASN A 591 -31.28 -16.14 -20.61
CA ASN A 591 -31.03 -15.92 -19.16
C ASN A 591 -30.94 -14.42 -18.96
N ALA A 592 -32.09 -13.79 -18.72
CA ALA A 592 -32.25 -12.32 -18.76
C ALA A 592 -31.46 -11.72 -17.60
N PRO A 593 -30.75 -10.60 -17.81
CA PRO A 593 -30.15 -9.88 -16.70
C PRO A 593 -31.22 -9.44 -15.69
N PRO A 594 -30.91 -9.46 -14.39
CA PRO A 594 -31.78 -8.86 -13.39
C PRO A 594 -32.18 -7.45 -13.81
N SER A 595 -33.49 -7.16 -13.73
CA SER A 595 -34.09 -5.82 -14.00
C SER A 595 -34.09 -5.50 -15.50
N VAL A 596 -33.94 -6.52 -16.36
CA VAL A 596 -34.07 -6.32 -17.83
C VAL A 596 -34.92 -7.44 -18.42
N ASP A 597 -35.97 -7.09 -19.14
CA ASP A 597 -36.76 -8.05 -19.95
C ASP A 597 -36.09 -8.20 -21.32
N VAL A 598 -35.89 -9.44 -21.76
CA VAL A 598 -35.18 -9.72 -23.03
C VAL A 598 -36.16 -10.45 -23.93
N SER A 599 -36.34 -9.97 -25.16
CA SER A 599 -37.17 -10.61 -26.20
C SER A 599 -36.29 -10.87 -27.43
N VAL A 600 -36.33 -12.07 -27.99
CA VAL A 600 -35.58 -12.45 -29.23
C VAL A 600 -36.58 -12.86 -30.31
N SER A 601 -36.47 -12.25 -31.48
CA SER A 601 -37.40 -12.44 -32.63
C SER A 601 -36.59 -12.65 -33.89
N PRO A 602 -36.73 -13.78 -34.60
CA PRO A 602 -37.50 -14.95 -34.15
C PRO A 602 -36.75 -15.74 -33.06
N SER A 603 -37.41 -16.68 -32.41
CA SER A 603 -36.88 -17.50 -31.29
C SER A 603 -36.41 -18.85 -31.80
N SER A 604 -36.58 -19.10 -33.09
CA SER A 604 -36.21 -20.36 -33.81
C SER A 604 -35.53 -19.93 -35.13
N LEU A 605 -34.52 -20.66 -35.57
CA LEU A 605 -33.86 -20.38 -36.88
C LEU A 605 -33.69 -21.69 -37.66
N VAL A 606 -34.22 -21.74 -38.88
CA VAL A 606 -34.25 -22.96 -39.71
C VAL A 606 -33.30 -22.71 -40.88
N PHE A 607 -32.10 -23.24 -40.77
CA PHE A 607 -31.06 -23.09 -41.80
C PHE A 607 -31.30 -24.13 -42.88
N SER A 608 -30.90 -23.81 -44.10
CA SER A 608 -30.99 -24.74 -45.25
C SER A 608 -29.88 -24.36 -46.21
N LYS A 609 -29.70 -25.15 -47.26
CA LYS A 609 -28.80 -24.73 -48.37
C LYS A 609 -29.20 -23.35 -48.91
N GLU A 610 -30.50 -23.05 -49.02
CA GLU A 610 -31.00 -21.75 -49.55
C GLU A 610 -30.73 -20.62 -48.57
N ASN A 611 -30.77 -20.89 -47.27
CA ASN A 611 -30.63 -19.87 -46.20
C ASN A 611 -29.55 -20.32 -45.22
N PRO A 612 -28.26 -20.14 -45.56
CA PRO A 612 -27.16 -20.47 -44.64
C PRO A 612 -26.85 -19.40 -43.57
N SER A 613 -27.35 -18.17 -43.78
CA SER A 613 -27.28 -17.03 -42.85
C SER A 613 -28.70 -16.53 -42.57
N LEU A 614 -28.96 -16.31 -41.29
CA LEU A 614 -30.27 -15.81 -40.79
C LEU A 614 -30.01 -14.69 -39.77
N SER A 615 -30.90 -13.69 -39.77
CA SER A 615 -30.87 -12.56 -38.83
C SER A 615 -31.89 -12.74 -37.72
N TYR A 616 -31.63 -12.12 -36.60
CA TYR A 616 -32.61 -11.98 -35.50
C TYR A 616 -32.45 -10.60 -34.86
N GLU A 617 -33.46 -10.23 -34.08
CA GLU A 617 -33.44 -8.97 -33.30
C GLU A 617 -33.61 -9.34 -31.83
N ILE A 618 -32.88 -8.64 -30.98
CA ILE A 618 -32.97 -8.84 -29.52
C ILE A 618 -33.29 -7.47 -28.89
N THR A 619 -34.37 -7.42 -28.13
CA THR A 619 -34.85 -6.20 -27.44
C THR A 619 -34.61 -6.36 -25.94
N PHE A 620 -33.96 -5.35 -25.36
CA PHE A 620 -33.64 -5.22 -23.92
C PHE A 620 -34.52 -4.10 -23.36
N THR A 621 -35.38 -4.41 -22.38
CA THR A 621 -36.33 -3.43 -21.79
C THR A 621 -36.04 -3.31 -20.30
N SER A 622 -35.60 -2.12 -19.87
CA SER A 622 -35.26 -1.84 -18.45
C SER A 622 -36.53 -1.89 -17.61
N THR A 623 -36.53 -2.67 -16.54
CA THR A 623 -37.62 -2.71 -15.51
C THR A 623 -37.04 -2.24 -14.17
N LEU A 624 -35.94 -1.50 -14.17
CA LEU A 624 -35.17 -1.17 -12.93
C LEU A 624 -36.05 -0.33 -11.98
N ALA A 631 -25.27 1.45 -11.73
CA ALA A 631 -25.78 0.07 -11.63
C ALA A 631 -25.44 -0.74 -12.89
N GLN A 632 -25.33 -2.04 -12.72
CA GLN A 632 -24.95 -2.91 -13.84
C GLN A 632 -25.61 -4.24 -13.57
N SER A 633 -25.89 -4.99 -14.62
CA SER A 633 -26.56 -6.30 -14.55
C SER A 633 -26.04 -7.18 -15.68
N PHE A 634 -26.09 -8.50 -15.55
CA PHE A 634 -25.49 -9.40 -16.56
C PHE A 634 -26.42 -10.59 -16.81
N GLY A 635 -26.31 -11.17 -17.98
CA GLY A 635 -26.98 -12.44 -18.30
C GLY A 635 -26.41 -13.00 -19.59
N SER A 636 -27.21 -13.74 -20.33
CA SER A 636 -26.72 -14.41 -21.56
C SER A 636 -27.88 -14.90 -22.42
N ILE A 637 -27.60 -15.17 -23.67
CA ILE A 637 -28.52 -15.93 -24.57
C ILE A 637 -27.67 -17.03 -25.19
N GLU A 638 -28.34 -18.06 -25.66
CA GLU A 638 -27.66 -19.15 -26.37
C GLU A 638 -28.59 -19.70 -27.42
N TRP A 639 -28.03 -20.04 -28.56
CA TRP A 639 -28.75 -20.79 -29.62
C TRP A 639 -28.25 -22.23 -29.59
N SER A 640 -29.16 -23.19 -29.52
CA SER A 640 -28.80 -24.62 -29.51
C SER A 640 -29.56 -25.39 -30.60
N ASP A 641 -28.87 -26.32 -31.26
CA ASP A 641 -29.44 -27.40 -32.10
C ASP A 641 -29.17 -28.72 -31.37
N GLY A 642 -29.07 -29.85 -32.07
CA GLY A 642 -28.78 -31.17 -31.45
C GLY A 642 -27.40 -31.23 -30.76
N THR A 643 -26.35 -30.61 -31.32
CA THR A 643 -24.96 -30.84 -30.84
C THR A 643 -24.23 -29.53 -30.46
N HIS A 644 -24.72 -28.36 -30.84
CA HIS A 644 -24.00 -27.07 -30.71
C HIS A 644 -24.69 -26.17 -29.68
N SER A 645 -23.92 -25.35 -28.96
CA SER A 645 -24.40 -24.23 -28.11
C SER A 645 -23.64 -22.97 -28.54
N VAL A 646 -24.36 -21.93 -28.99
CA VAL A 646 -23.83 -20.64 -29.44
C VAL A 646 -24.21 -19.57 -28.40
N ARG A 647 -23.33 -19.38 -27.41
CA ARG A 647 -23.60 -18.56 -26.20
C ARG A 647 -23.04 -17.16 -26.37
N SER A 648 -23.81 -16.17 -25.95
CA SER A 648 -23.42 -14.75 -25.94
C SER A 648 -23.69 -14.16 -24.57
N PRO A 649 -22.69 -13.54 -23.91
CA PRO A 649 -22.96 -12.79 -22.67
C PRO A 649 -23.71 -11.48 -22.94
N ILE A 650 -24.49 -11.03 -21.95
CA ILE A 650 -25.17 -9.71 -21.98
C ILE A 650 -24.65 -8.88 -20.83
N ALA A 651 -24.18 -7.67 -21.10
CA ALA A 651 -23.82 -6.72 -20.04
C ALA A 651 -24.75 -5.53 -20.15
N ILE A 652 -25.24 -5.06 -19.00
CA ILE A 652 -26.15 -3.90 -18.88
C ILE A 652 -25.52 -2.87 -17.96
N ASP A 653 -25.44 -1.62 -18.42
CA ASP A 653 -25.08 -0.39 -17.64
C ASP A 653 -26.27 0.56 -17.67
N TRP A 654 -26.56 1.25 -16.57
CA TRP A 654 -27.56 2.34 -16.51
C TRP A 654 -26.83 3.69 -16.37
N ASP B 1 4.61 26.40 19.37
CA ASP B 1 3.36 26.46 18.47
C ASP B 1 2.38 27.56 18.89
N THR B 2 1.87 28.10 17.81
CA THR B 2 1.07 29.31 17.71
C THR B 2 -0.34 29.02 18.20
N HIS B 3 -0.72 27.76 18.36
CA HIS B 3 -2.10 27.43 18.81
C HIS B 3 -2.16 26.39 19.93
N THR B 4 -1.17 25.49 20.06
CA THR B 4 -1.33 24.38 21.03
C THR B 4 -1.49 24.90 22.47
N PRO B 5 -0.85 25.99 22.91
CA PRO B 5 -1.08 26.50 24.25
C PRO B 5 -2.57 26.79 24.48
N GLU B 6 -3.21 27.41 23.48
CA GLU B 6 -4.67 27.73 23.58
C GLU B 6 -5.45 26.42 23.54
N PHE B 7 -5.11 25.47 22.69
CA PHE B 7 -5.85 24.19 22.66
C PHE B 7 -5.74 23.50 24.02
N LEU B 8 -4.57 23.63 24.65
CA LEU B 8 -4.28 22.99 25.96
C LEU B 8 -4.95 23.78 27.10
N GLY B 9 -5.39 25.01 26.84
CA GLY B 9 -6.11 25.83 27.87
C GLY B 9 -5.15 26.59 28.77
N ASP B 10 -3.85 26.63 28.43
CA ASP B 10 -2.86 27.51 29.08
C ASP B 10 -3.25 28.97 28.81
N SER B 11 -3.15 29.83 29.83
CA SER B 11 -3.44 31.28 29.72
C SER B 11 -2.63 32.07 30.76
N SER B 12 -2.38 33.37 30.51
CA SER B 12 -1.69 34.26 31.47
C SER B 12 -2.64 34.66 32.60
N ASN B 13 -3.94 34.40 32.49
CA ASN B 13 -5.00 34.85 33.44
C ASN B 13 -5.01 33.99 34.70
N SER B 14 -4.89 32.67 34.55
CA SER B 14 -5.05 31.72 35.66
C SER B 14 -4.34 30.40 35.35
N GLY B 15 -4.19 29.56 36.35
CA GLY B 15 -3.83 28.13 36.17
C GLY B 15 -2.34 27.91 36.05
N LEU B 16 -1.94 26.94 35.24
CA LEU B 16 -0.57 26.38 35.37
C LEU B 16 0.48 27.34 34.84
N TRP B 17 0.20 28.17 33.81
CA TRP B 17 1.25 29.10 33.31
C TRP B 17 1.69 30.10 34.39
N PRO B 18 0.78 30.90 34.99
CA PRO B 18 1.17 31.84 36.05
C PRO B 18 1.70 31.12 37.31
N ASN B 19 1.07 30.03 37.72
CA ASN B 19 1.43 29.30 38.97
C ASN B 19 2.75 28.53 38.81
N GLY B 20 3.14 28.17 37.60
CA GLY B 20 4.51 27.66 37.35
C GLY B 20 5.47 28.70 36.80
N ASN B 21 5.16 30.01 36.89
CA ASN B 21 6.03 31.11 36.37
C ASN B 21 6.52 30.82 34.94
N TYR B 22 5.70 30.20 34.09
CA TYR B 22 6.07 29.89 32.69
C TYR B 22 7.36 29.06 32.65
N GLY B 23 7.72 28.37 33.75
CA GLY B 23 8.90 27.48 33.81
C GLY B 23 10.17 28.26 34.10
N GLU B 24 10.04 29.46 34.64
CA GLU B 24 11.22 30.29 35.04
C GLU B 24 12.15 29.45 35.92
N ASP B 25 13.44 29.41 35.58
CA ASP B 25 14.56 28.74 36.30
C ASP B 25 14.39 27.21 36.38
N ILE B 26 13.53 26.63 35.54
CA ILE B 26 13.49 25.16 35.35
C ILE B 26 14.33 24.84 34.12
N ILE B 27 15.09 23.76 34.18
CA ILE B 27 16.05 23.39 33.12
C ILE B 27 15.56 22.13 32.44
N ILE B 28 15.34 22.21 31.11
CA ILE B 28 14.84 21.09 30.31
C ILE B 28 16.01 20.60 29.46
N GLY B 29 16.43 19.36 29.72
CA GLY B 29 17.43 18.65 28.93
C GLY B 29 16.74 17.95 27.77
N VAL B 30 17.20 18.19 26.55
CA VAL B 30 16.56 17.65 25.34
C VAL B 30 17.55 16.74 24.63
N LEU B 31 17.29 15.43 24.65
CA LEU B 31 18.10 14.41 23.96
C LEU B 31 17.54 14.20 22.55
N ASP B 32 18.31 14.59 21.54
CA ASP B 32 17.78 14.66 20.17
C ASP B 32 18.93 14.85 19.17
N THR B 33 18.66 15.58 18.08
CA THR B 33 19.61 15.79 16.96
C THR B 33 20.39 17.08 17.17
N GLY B 34 20.29 17.72 18.34
CA GLY B 34 21.10 18.89 18.68
C GLY B 34 20.26 20.12 18.49
N VAL B 35 20.87 21.25 18.19
CA VAL B 35 20.12 22.52 18.17
C VAL B 35 20.67 23.39 17.06
N TRP B 36 19.80 24.20 16.46
CA TRP B 36 20.19 25.33 15.60
C TRP B 36 20.21 26.59 16.45
N PRO B 37 21.38 27.04 16.97
CA PRO B 37 21.38 28.09 18.00
C PRO B 37 21.03 29.49 17.47
N GLU B 38 21.21 29.74 16.17
CA GLU B 38 20.92 31.07 15.57
C GLU B 38 19.44 31.12 15.23
N HIS B 39 18.60 31.24 16.23
CA HIS B 39 17.13 31.06 16.12
C HIS B 39 16.47 31.92 17.18
N PRO B 40 15.42 32.67 16.81
CA PRO B 40 14.74 33.57 17.73
C PRO B 40 14.08 32.85 18.91
N SER B 41 13.88 31.53 18.85
CA SER B 41 13.33 30.75 19.99
C SER B 41 14.35 30.64 21.15
N PHE B 42 15.62 30.94 20.90
CA PHE B 42 16.70 30.92 21.92
C PHE B 42 17.04 32.35 22.37
N SER B 43 16.23 33.35 22.02
CA SER B 43 16.40 34.75 22.51
C SER B 43 16.41 34.75 24.05
N ASP B 44 17.39 35.42 24.68
CA ASP B 44 17.48 35.43 26.15
C ASP B 44 17.18 36.85 26.66
N SER B 45 16.53 37.69 25.84
CA SER B 45 16.06 39.05 26.22
C SER B 45 15.31 38.94 27.54
N ASP B 46 15.58 39.84 28.47
CA ASP B 46 14.76 40.04 29.71
C ASP B 46 15.10 38.96 30.76
N MET B 47 15.88 37.92 30.43
CA MET B 47 16.04 36.75 31.32
C MET B 47 17.06 37.04 32.42
N SER B 48 16.82 36.50 33.60
CA SER B 48 17.78 36.59 34.75
C SER B 48 19.01 35.73 34.46
N ASP B 49 20.05 35.86 35.28
CA ASP B 49 21.30 35.10 35.10
C ASP B 49 20.99 33.59 35.19
N ILE B 50 21.86 32.80 34.58
CA ILE B 50 21.75 31.32 34.65
C ILE B 50 21.73 30.93 36.13
N PRO B 51 20.83 30.00 36.57
CA PRO B 51 20.83 29.54 37.97
C PRO B 51 22.23 29.04 38.36
N SER B 52 22.76 29.45 39.52
CA SER B 52 24.20 29.28 39.85
C SER B 52 24.55 27.81 40.07
N SER B 53 23.55 27.00 40.43
CA SER B 53 23.62 25.52 40.64
C SER B 53 23.93 24.75 39.34
N TRP B 54 23.57 25.30 38.18
CA TRP B 54 23.72 24.63 36.85
C TRP B 54 25.19 24.31 36.65
N LYS B 55 25.51 23.06 36.35
CA LYS B 55 26.91 22.61 36.15
C LYS B 55 27.16 22.19 34.70
N GLY B 56 26.28 22.58 33.77
CA GLY B 56 26.46 22.26 32.35
C GLY B 56 27.43 23.18 31.66
N THR B 57 27.57 23.02 30.35
CA THR B 57 28.50 23.82 29.54
C THR B 57 28.07 23.83 28.06
N CYS B 58 28.76 24.65 27.28
CA CYS B 58 28.63 24.78 25.81
C CYS B 58 29.85 24.09 25.19
N GLU B 59 29.69 22.96 24.51
CA GLU B 59 30.82 22.23 23.90
C GLU B 59 31.06 22.89 22.54
N THR B 60 32.10 23.70 22.43
CA THR B 60 32.26 24.70 21.35
C THR B 60 33.27 24.19 20.34
N SER B 61 33.18 24.74 19.14
CA SER B 61 33.94 24.32 17.92
C SER B 61 33.68 25.38 16.86
N ASP B 62 34.44 25.35 15.77
CA ASP B 62 34.26 26.35 14.67
C ASP B 62 32.79 26.32 14.24
N ASP B 63 32.21 25.13 14.21
CA ASP B 63 30.81 24.88 13.77
C ASP B 63 29.79 25.37 14.80
N PHE B 64 30.19 25.47 16.06
CA PHE B 64 29.27 25.74 17.18
C PHE B 64 29.98 26.66 18.15
N PRO B 65 30.04 27.98 17.89
CA PRO B 65 30.83 28.87 18.72
C PRO B 65 30.24 29.15 20.10
N ALA B 66 31.07 29.70 20.99
CA ALA B 66 30.75 30.07 22.38
C ALA B 66 29.47 30.89 22.43
N SER B 67 29.31 31.79 21.47
CA SER B 67 28.16 32.72 21.34
C SER B 67 26.84 31.96 21.08
N SER B 68 26.91 30.66 20.74
CA SER B 68 25.72 29.78 20.56
C SER B 68 24.90 29.73 21.87
N CYS B 69 25.57 29.60 23.02
CA CYS B 69 24.93 29.44 24.35
C CYS B 69 24.79 30.83 24.97
N ASN B 70 23.71 31.04 25.71
CA ASN B 70 23.36 32.34 26.32
C ASN B 70 22.61 32.05 27.63
N LYS B 71 21.72 32.92 28.08
CA LYS B 71 20.96 32.72 29.35
C LYS B 71 19.73 31.86 29.08
N LYS B 72 19.46 31.53 27.82
CA LYS B 72 18.28 30.72 27.44
C LYS B 72 18.72 29.32 27.11
N LEU B 73 19.55 29.19 26.07
CA LEU B 73 20.21 27.93 25.73
C LEU B 73 21.47 27.85 26.57
N ILE B 74 21.44 27.12 27.70
CA ILE B 74 22.50 27.20 28.75
C ILE B 74 23.44 25.99 28.66
N GLY B 75 23.13 25.04 27.79
CA GLY B 75 24.00 23.89 27.60
C GLY B 75 23.85 23.28 26.23
N ALA B 76 24.96 22.76 25.71
CA ALA B 76 25.02 22.07 24.39
C ALA B 76 26.16 21.08 24.41
N ARG B 77 25.83 19.79 24.43
CA ARG B 77 26.79 18.67 24.42
C ARG B 77 26.47 17.73 23.27
N ALA B 78 27.46 16.99 22.81
CA ALA B 78 27.32 15.98 21.74
C ALA B 78 27.95 14.67 22.20
N PHE B 79 27.29 13.57 21.90
CA PHE B 79 27.66 12.21 22.33
C PHE B 79 27.72 11.35 21.08
N SER B 80 28.90 10.89 20.69
CA SER B 80 29.03 10.05 19.47
C SER B 80 29.98 8.88 19.66
N LYS B 81 30.15 8.41 20.88
CA LYS B 81 31.12 7.33 21.16
C LYS B 81 30.55 6.04 20.57
N GLY B 82 29.24 6.01 20.27
CA GLY B 82 28.57 4.83 19.72
C GLY B 82 28.58 4.77 18.20
N ILE B 83 29.09 5.79 17.51
CA ILE B 83 28.95 5.93 16.01
C ILE B 83 30.08 5.16 15.31
N ASP B 98 31.75 15.42 16.19
CA ASP B 98 31.39 16.63 15.39
C ASP B 98 31.02 17.74 16.39
N SER B 99 29.79 18.28 16.37
CA SER B 99 29.32 19.41 17.20
C SER B 99 27.85 19.18 17.60
N PRO B 100 27.32 19.95 18.56
CA PRO B 100 25.89 19.87 18.88
C PRO B 100 24.93 20.51 17.88
N ARG B 101 25.45 20.99 16.74
CA ARG B 101 24.63 21.64 15.68
C ARG B 101 23.60 20.66 15.11
N ASP B 102 22.37 21.16 15.00
CA ASP B 102 21.22 20.41 14.45
C ASP B 102 21.20 20.61 12.94
N ILE B 103 21.59 19.61 12.18
CA ILE B 103 21.52 19.68 10.69
C ILE B 103 20.25 19.00 10.18
N ASN B 104 19.41 18.50 11.08
CA ASN B 104 18.16 17.75 10.74
C ASN B 104 16.93 18.68 10.83
N GLY B 105 16.76 19.33 11.99
CA GLY B 105 15.61 20.18 12.34
C GLY B 105 14.87 19.61 13.55
N HIS B 106 14.87 18.28 13.72
CA HIS B 106 14.05 17.56 14.74
C HIS B 106 14.37 18.07 16.14
N GLY B 107 15.67 18.21 16.50
CA GLY B 107 16.04 18.66 17.84
C GLY B 107 15.72 20.12 18.08
N THR B 108 15.76 20.96 17.04
CA THR B 108 15.33 22.37 17.17
C THR B 108 13.80 22.42 17.37
N HIS B 109 13.07 21.55 16.68
CA HIS B 109 11.59 21.48 16.73
C HIS B 109 11.16 21.04 18.13
N THR B 110 11.74 19.95 18.67
CA THR B 110 11.34 19.39 20.00
C THR B 110 11.76 20.37 21.10
N SER B 111 12.98 20.88 21.11
CA SER B 111 13.44 21.82 22.16
C SER B 111 12.61 23.10 22.16
N THR B 112 12.24 23.65 21.00
CA THR B 112 11.44 24.90 20.96
C THR B 112 9.97 24.62 21.33
N THR B 113 9.46 23.40 21.09
CA THR B 113 8.12 22.96 21.56
C THR B 113 8.12 22.91 23.09
N ALA B 114 9.15 22.35 23.73
CA ALA B 114 9.19 22.28 25.21
C ALA B 114 9.36 23.69 25.82
N GLY B 115 10.33 24.48 25.32
CA GLY B 115 10.75 25.71 26.05
C GLY B 115 11.18 26.87 25.19
N GLY B 116 10.73 26.96 23.94
CA GLY B 116 11.08 28.09 23.06
C GLY B 116 10.62 29.43 23.64
N SER B 117 11.47 30.46 23.55
CA SER B 117 11.06 31.87 23.80
C SER B 117 9.93 32.25 22.82
N LYS B 118 9.08 33.19 23.24
CA LYS B 118 8.00 33.77 22.40
C LYS B 118 8.60 34.39 21.13
N VAL B 119 8.09 33.98 19.98
CA VAL B 119 8.47 34.55 18.66
C VAL B 119 7.20 35.08 18.01
N GLN B 120 7.17 36.37 17.71
CA GLN B 120 5.98 37.03 17.10
C GLN B 120 5.92 36.63 15.63
N ASN B 121 4.72 36.33 15.15
CA ASN B 121 4.44 36.12 13.71
C ASN B 121 5.29 34.98 13.16
N ALA B 122 5.56 33.96 13.98
CA ALA B 122 6.08 32.66 13.51
C ALA B 122 5.03 32.03 12.58
N SER B 123 5.50 31.49 11.46
CA SER B 123 4.63 30.75 10.52
C SER B 123 5.52 29.86 9.63
N PHE B 124 4.87 28.96 8.90
CA PHE B 124 5.48 28.32 7.72
C PHE B 124 4.85 28.97 6.49
N TYR B 125 5.50 29.98 5.91
CA TYR B 125 4.98 30.71 4.71
C TYR B 125 3.54 31.16 4.96
N GLY B 126 3.21 31.64 6.17
CA GLY B 126 1.86 32.10 6.51
C GLY B 126 0.94 31.06 7.13
N TYR B 127 1.25 29.76 7.03
CA TYR B 127 0.48 28.65 7.68
C TYR B 127 0.81 28.60 9.17
N ALA B 128 -0.24 28.38 9.96
CA ALA B 128 -0.19 28.34 11.44
C ALA B 128 0.44 29.62 12.00
N LYS B 129 0.16 30.79 11.39
CA LYS B 129 0.77 32.07 11.83
C LYS B 129 0.30 32.42 13.24
N GLY B 130 1.22 32.87 14.07
CA GLY B 130 0.87 33.42 15.40
C GLY B 130 2.13 33.63 16.21
N GLN B 131 2.01 33.55 17.53
CA GLN B 131 3.17 33.63 18.46
C GLN B 131 3.66 32.21 18.75
N ALA B 132 4.82 31.81 18.28
CA ALA B 132 5.38 30.49 18.64
C ALA B 132 5.89 30.56 20.08
N ARG B 133 5.44 29.66 20.94
CA ARG B 133 5.89 29.62 22.35
C ARG B 133 6.14 28.15 22.73
N GLY B 134 7.22 27.86 23.45
CA GLY B 134 7.31 26.57 24.13
C GLY B 134 6.27 26.51 25.26
N MET B 135 5.85 25.32 25.67
CA MET B 135 4.87 25.20 26.77
C MET B 135 5.47 25.77 28.06
N ALA B 136 6.77 25.62 28.27
CA ALA B 136 7.46 26.27 29.39
C ALA B 136 8.31 27.42 28.82
N THR B 137 7.64 28.54 28.51
CA THR B 137 8.16 29.62 27.64
C THR B 137 9.41 30.25 28.23
N LYS B 138 9.55 30.26 29.56
CA LYS B 138 10.71 30.89 30.23
C LYS B 138 11.71 29.84 30.73
N ALA B 139 11.56 28.57 30.39
CA ALA B 139 12.52 27.54 30.85
C ALA B 139 13.90 27.77 30.23
N ARG B 140 14.92 27.25 30.88
CA ARG B 140 16.27 27.10 30.33
C ARG B 140 16.28 25.78 29.55
N ILE B 141 17.00 25.78 28.45
CA ILE B 141 17.19 24.63 27.55
C ILE B 141 18.65 24.21 27.57
N ALA B 142 18.86 22.91 27.79
CA ALA B 142 20.17 22.24 27.71
C ALA B 142 20.03 21.13 26.68
N VAL B 143 20.83 21.20 25.63
CA VAL B 143 20.77 20.28 24.47
C VAL B 143 21.81 19.20 24.62
N TYR B 144 21.38 17.97 24.42
CA TYR B 144 22.25 16.76 24.46
C TYR B 144 22.06 16.06 23.13
N LYS B 145 23.02 16.23 22.22
CA LYS B 145 22.90 15.62 20.87
C LYS B 145 23.33 14.16 20.95
N VAL B 146 22.39 13.25 20.67
CA VAL B 146 22.64 11.79 20.65
C VAL B 146 22.25 11.17 19.30
N CYS B 147 21.61 11.90 18.40
CA CYS B 147 21.11 11.37 17.11
C CYS B 147 21.90 11.97 15.93
N TRP B 148 22.47 11.08 15.15
CA TRP B 148 23.38 11.33 14.01
C TRP B 148 22.77 10.72 12.75
N SER B 149 23.43 10.88 11.59
CA SER B 149 22.91 10.32 10.33
C SER B 149 22.79 8.80 10.42
N ALA B 150 23.69 8.12 11.14
CA ALA B 150 23.70 6.64 11.30
C ALA B 150 22.69 6.15 12.36
N GLY B 151 22.10 7.02 13.17
CA GLY B 151 21.12 6.65 14.21
C GLY B 151 21.47 7.26 15.55
N CYS B 152 20.86 6.74 16.62
CA CYS B 152 20.97 7.30 17.98
C CYS B 152 21.52 6.17 18.84
N PRO B 153 22.84 6.05 19.03
CA PRO B 153 23.39 4.86 19.68
C PRO B 153 22.97 4.75 21.15
N ASP B 154 22.65 3.53 21.58
CA ASP B 154 22.26 3.24 22.99
C ASP B 154 23.27 3.85 23.96
N THR B 155 24.57 3.64 23.70
CA THR B 155 25.65 4.02 24.62
C THR B 155 25.65 5.55 24.82
N ASP B 156 25.37 6.29 23.75
CA ASP B 156 25.30 7.76 23.72
C ASP B 156 24.01 8.26 24.41
N ILE B 157 22.87 7.61 24.19
CA ILE B 157 21.61 7.99 24.91
C ILE B 157 21.88 7.87 26.42
N LEU B 158 22.40 6.74 26.85
CA LEU B 158 22.58 6.49 28.29
C LEU B 158 23.62 7.48 28.83
N ALA B 159 24.70 7.77 28.10
CA ALA B 159 25.72 8.72 28.58
C ALA B 159 25.08 10.10 28.71
N ALA B 160 24.23 10.47 27.74
CA ALA B 160 23.55 11.77 27.73
C ALA B 160 22.63 11.92 28.95
N MET B 161 21.85 10.90 29.26
CA MET B 161 20.89 10.95 30.40
C MET B 161 21.69 11.06 31.70
N ASN B 162 22.76 10.27 31.83
CA ASN B 162 23.67 10.33 33.01
C ASN B 162 24.29 11.72 33.12
N GLN B 163 24.71 12.34 32.00
CA GLN B 163 25.37 13.68 32.02
C GLN B 163 24.34 14.77 32.32
N ALA B 164 23.10 14.61 31.88
CA ALA B 164 22.06 15.61 32.16
C ALA B 164 21.79 15.61 33.67
N ILE B 165 21.82 14.45 34.28
CA ILE B 165 21.64 14.31 35.76
C ILE B 165 22.78 15.06 36.44
N GLU B 166 24.03 14.83 36.03
CA GLU B 166 25.21 15.46 36.68
C GLU B 166 25.14 16.96 36.49
N ASP B 167 24.71 17.42 35.30
CA ASP B 167 24.59 18.87 34.97
C ASP B 167 23.57 19.56 35.89
N GLY B 168 22.50 18.87 36.27
CA GLY B 168 21.41 19.39 37.15
C GLY B 168 20.18 19.82 36.34
N VAL B 169 19.81 19.09 35.27
CA VAL B 169 18.51 19.37 34.59
C VAL B 169 17.39 19.04 35.57
N HIS B 170 16.19 19.59 35.34
CA HIS B 170 14.98 19.20 36.12
C HIS B 170 14.12 18.18 35.36
N VAL B 171 14.19 18.21 34.04
CA VAL B 171 13.31 17.44 33.16
C VAL B 171 14.20 16.95 32.03
N ILE B 172 14.00 15.71 31.63
CA ILE B 172 14.62 15.12 30.42
C ILE B 172 13.48 14.87 29.40
N SER B 173 13.57 15.52 28.23
CA SER B 173 12.63 15.37 27.09
C SER B 173 13.36 14.51 26.05
N MET B 174 12.88 13.30 25.74
CA MET B 174 13.57 12.38 24.81
C MET B 174 12.58 11.85 23.77
N SER B 175 12.58 12.52 22.63
CA SER B 175 11.77 12.16 21.44
C SER B 175 12.57 11.19 20.57
N VAL B 176 13.04 10.12 21.23
CA VAL B 176 13.97 9.10 20.65
C VAL B 176 13.50 7.74 21.17
N GLY B 177 13.39 6.77 20.28
CA GLY B 177 12.84 5.46 20.71
C GLY B 177 13.01 4.43 19.63
N PRO B 178 12.70 3.15 19.95
CA PRO B 178 12.80 2.07 18.97
C PRO B 178 11.96 2.43 17.73
N GLN B 179 12.41 2.02 16.54
CA GLN B 179 11.62 2.22 15.30
C GLN B 179 10.34 1.37 15.37
N GLY B 180 10.39 0.18 15.97
CA GLY B 180 9.24 -0.75 15.99
C GLY B 180 8.98 -1.25 17.40
N TYR B 181 8.76 -2.56 17.53
CA TYR B 181 8.50 -3.23 18.84
C TYR B 181 9.72 -3.03 19.76
N SER B 182 9.46 -2.80 21.04
CA SER B 182 10.45 -2.36 22.03
C SER B 182 11.29 -3.55 22.47
N PRO B 183 12.60 -3.35 22.69
CA PRO B 183 13.36 -4.31 23.50
C PRO B 183 12.87 -4.31 24.96
N ASP B 184 13.30 -5.33 25.70
CA ASP B 184 13.08 -5.42 27.17
C ASP B 184 13.81 -4.27 27.87
N TYR B 185 13.39 -3.92 29.09
CA TYR B 185 13.90 -2.72 29.78
C TYR B 185 15.42 -2.76 29.95
N TYR B 186 16.04 -3.92 30.27
CA TYR B 186 17.50 -3.97 30.61
C TYR B 186 18.32 -3.66 29.35
N GLN B 187 17.70 -3.74 28.17
CA GLN B 187 18.37 -3.45 26.87
C GLN B 187 18.16 -2.00 26.45
N GLU B 188 17.30 -1.21 27.13
CA GLU B 188 16.92 0.16 26.68
C GLU B 188 17.63 1.21 27.53
N ALA B 189 18.43 2.05 26.87
CA ALA B 189 19.08 3.20 27.51
C ALA B 189 18.04 4.07 28.23
N SER B 190 16.86 4.31 27.65
CA SER B 190 15.86 5.18 28.29
C SER B 190 15.46 4.54 29.61
N ALA B 191 15.34 3.21 29.70
CA ALA B 191 14.89 2.56 30.96
C ALA B 191 15.96 2.74 32.05
N ILE B 192 17.21 2.54 31.68
CA ILE B 192 18.36 2.62 32.64
C ILE B 192 18.58 4.07 33.09
N GLY B 193 18.72 5.01 32.13
CA GLY B 193 18.92 6.43 32.42
C GLY B 193 17.78 6.98 33.22
N ALA B 194 16.53 6.63 32.89
CA ALA B 194 15.38 7.23 33.59
C ALA B 194 15.34 6.70 35.05
N PHE B 195 15.71 5.43 35.26
CA PHE B 195 15.76 4.84 36.62
C PHE B 195 16.69 5.68 37.48
N ASN B 196 17.88 5.97 36.95
CA ASN B 196 18.92 6.79 37.61
C ASN B 196 18.35 8.19 37.92
N ALA B 197 17.54 8.76 37.02
CA ALA B 197 16.99 10.14 37.10
C ALA B 197 15.94 10.28 38.21
N VAL B 198 15.26 9.19 38.56
CA VAL B 198 14.16 9.11 39.58
C VAL B 198 14.64 9.61 40.93
N LYS B 199 15.77 9.14 41.41
CA LYS B 199 16.14 9.39 42.83
C LYS B 199 16.45 10.86 42.95
N TYR B 200 16.65 11.58 41.83
CA TYR B 200 16.98 13.03 41.87
C TYR B 200 15.75 13.90 41.65
N GLY B 201 14.57 13.31 41.45
CA GLY B 201 13.33 14.05 41.16
C GLY B 201 13.23 14.50 39.71
N ILE B 202 14.15 14.05 38.87
CA ILE B 202 14.17 14.46 37.43
C ILE B 202 13.08 13.68 36.70
N ILE B 203 12.17 14.38 36.05
CA ILE B 203 11.03 13.79 35.31
C ILE B 203 11.49 13.50 33.89
N VAL B 204 11.25 12.27 33.44
CA VAL B 204 11.61 11.80 32.08
C VAL B 204 10.33 11.59 31.28
N SER B 205 10.18 12.40 30.24
CA SER B 205 9.08 12.38 29.25
C SER B 205 9.67 11.84 27.94
N CYS B 206 9.08 10.77 27.42
CA CYS B 206 9.52 10.04 26.19
C CYS B 206 8.35 9.86 25.22
N SER B 207 8.67 9.85 23.92
CA SER B 207 7.71 9.52 22.84
C SER B 207 7.41 8.03 22.89
N ALA B 208 6.14 7.67 22.67
CA ALA B 208 5.67 6.28 22.59
C ALA B 208 6.16 5.58 21.33
N GLY B 209 6.45 6.31 20.27
CA GLY B 209 6.84 5.77 18.96
C GLY B 209 5.76 5.96 17.89
N ASN B 210 6.11 5.70 16.62
CA ASN B 210 5.26 6.06 15.45
C ASN B 210 4.91 4.84 14.62
N SER B 211 4.62 3.71 15.24
CA SER B 211 4.42 2.41 14.55
C SER B 211 2.96 1.99 14.66
N GLY B 212 2.09 2.88 15.12
CA GLY B 212 0.64 2.60 15.20
C GLY B 212 0.03 2.49 13.79
N PRO B 213 -1.24 2.08 13.68
CA PRO B 213 -2.08 1.79 14.84
C PRO B 213 -2.03 0.36 15.41
N LYS B 214 -1.16 -0.51 14.92
CA LYS B 214 -1.18 -1.89 15.44
C LYS B 214 -0.75 -1.94 16.91
N PRO B 215 -1.33 -2.93 17.63
CA PRO B 215 -1.12 -3.07 19.07
C PRO B 215 0.32 -3.46 19.40
N LEU B 216 0.71 -3.21 20.65
CA LEU B 216 1.96 -3.69 21.31
C LEU B 216 3.18 -2.94 20.79
N THR B 217 2.98 -1.80 20.11
CA THR B 217 4.07 -1.03 19.46
C THR B 217 4.68 0.02 20.40
N ALA B 218 4.04 0.40 21.49
CA ALA B 218 4.55 1.49 22.37
C ALA B 218 5.95 1.13 22.88
N GLY B 219 6.83 2.12 22.84
CA GLY B 219 8.21 2.04 23.40
C GLY B 219 8.47 3.12 24.42
N ASN B 220 9.67 3.13 25.00
CA ASN B 220 9.98 3.95 26.20
C ASN B 220 8.90 3.66 27.26
N ILE B 221 8.69 2.38 27.55
CA ILE B 221 7.54 1.84 28.34
C ILE B 221 7.93 1.49 29.78
N SER B 222 9.09 1.98 30.29
CA SER B 222 9.45 1.87 31.72
C SER B 222 8.32 2.45 32.55
N PRO B 223 7.93 1.84 33.67
CA PRO B 223 6.96 2.50 34.56
C PRO B 223 7.38 3.92 35.03
N TRP B 224 8.67 4.17 35.15
CA TRP B 224 9.22 5.42 35.71
C TRP B 224 9.47 6.44 34.59
N ILE B 225 8.98 6.16 33.39
CA ILE B 225 8.95 7.13 32.28
C ILE B 225 7.51 7.58 32.05
N LEU B 226 7.32 8.87 31.74
CA LEU B 226 6.03 9.38 31.27
C LEU B 226 6.00 9.16 29.75
N THR B 227 5.21 8.17 29.33
CA THR B 227 5.19 7.68 27.94
C THR B 227 4.08 8.38 27.20
N VAL B 228 4.43 9.14 26.14
CA VAL B 228 3.47 10.10 25.51
C VAL B 228 3.09 9.64 24.10
N GLY B 229 1.78 9.54 23.81
CA GLY B 229 1.25 9.34 22.46
C GLY B 229 0.80 10.66 21.84
N ALA B 230 0.51 10.65 20.54
CA ALA B 230 0.21 11.85 19.76
C ALA B 230 -1.28 11.89 19.43
N SER B 231 -1.85 13.09 19.45
CA SER B 231 -3.23 13.34 18.99
C SER B 231 -3.29 14.62 18.16
N THR B 232 -4.44 14.82 17.52
CA THR B 232 -4.76 16.01 16.71
C THR B 232 -5.23 17.15 17.58
N ILE B 233 -5.16 18.36 17.03
CA ILE B 233 -5.84 19.53 17.63
C ILE B 233 -6.93 19.96 16.62
N ASP B 234 -7.57 21.10 16.90
CA ASP B 234 -8.72 21.64 16.13
C ASP B 234 -8.21 22.48 14.95
N ARG B 235 -7.27 21.98 14.17
CA ARG B 235 -6.58 22.76 13.13
C ARG B 235 -6.35 21.88 11.91
N GLU B 236 -6.62 22.41 10.73
CA GLU B 236 -6.35 21.76 9.41
C GLU B 236 -5.74 22.78 8.49
N PHE B 237 -5.07 22.28 7.45
CA PHE B 237 -4.42 23.12 6.43
C PHE B 237 -5.10 22.73 5.11
N ARG B 238 -6.12 23.49 4.75
CA ARG B 238 -7.16 23.03 3.79
C ARG B 238 -6.87 23.56 2.38
N ALA B 239 -7.04 22.69 1.39
CA ALA B 239 -7.18 23.09 -0.02
C ALA B 239 -8.08 22.06 -0.69
N ASP B 240 -9.32 22.46 -0.94
CA ASP B 240 -10.41 21.55 -1.33
C ASP B 240 -10.49 21.45 -2.87
N VAL B 241 -11.00 20.34 -3.36
CA VAL B 241 -11.20 20.13 -4.82
C VAL B 241 -12.69 20.39 -5.07
N VAL B 242 -13.01 21.25 -6.02
CA VAL B 242 -14.39 21.41 -6.55
C VAL B 242 -14.38 20.89 -7.98
N LEU B 243 -15.29 19.97 -8.33
CA LEU B 243 -15.36 19.42 -9.70
C LEU B 243 -16.38 20.28 -10.51
N GLY B 244 -16.28 20.23 -11.84
CA GLY B 244 -17.24 20.83 -12.78
C GLY B 244 -18.68 20.41 -12.47
N ASP B 245 -18.89 19.27 -11.82
CA ASP B 245 -20.26 18.76 -11.55
C ASP B 245 -20.75 19.30 -10.20
N GLY B 246 -19.97 20.14 -9.52
CA GLY B 246 -20.38 20.81 -8.28
C GLY B 246 -19.97 20.05 -7.02
N ARG B 247 -19.42 18.84 -7.12
CA ARG B 247 -19.01 18.07 -5.92
C ARG B 247 -17.73 18.71 -5.34
N THR B 248 -17.67 18.83 -4.02
CA THR B 248 -16.50 19.32 -3.26
C THR B 248 -15.90 18.16 -2.47
N PHE B 249 -14.56 18.09 -2.40
CA PHE B 249 -13.83 17.09 -1.60
C PHE B 249 -12.78 17.82 -0.75
N LYS B 250 -12.67 17.41 0.50
CA LYS B 250 -11.67 18.00 1.42
C LYS B 250 -10.29 17.65 0.87
N GLY B 251 -9.36 18.57 0.99
CA GLY B 251 -7.95 18.28 0.75
C GLY B 251 -7.02 19.01 1.71
N SER B 252 -5.75 18.59 1.72
CA SER B 252 -4.72 19.11 2.63
C SER B 252 -3.54 19.56 1.78
N SER B 253 -3.02 20.76 2.07
CA SER B 253 -1.85 21.30 1.36
C SER B 253 -1.09 22.28 2.24
N LEU B 254 0.24 22.24 2.11
CA LEU B 254 1.17 23.28 2.59
C LEU B 254 1.95 23.80 1.39
N TYR B 255 1.31 23.88 0.21
CA TYR B 255 1.84 24.61 -0.98
C TYR B 255 2.28 26.04 -0.59
N THR B 256 3.53 26.38 -0.89
CA THR B 256 4.19 27.65 -0.46
C THR B 256 4.25 28.69 -1.58
N GLY B 257 3.88 28.32 -2.80
CA GLY B 257 4.10 29.16 -4.00
C GLY B 257 3.01 30.21 -4.20
N GLU B 258 3.10 30.94 -5.32
CA GLU B 258 2.13 31.96 -5.81
C GLU B 258 0.76 31.32 -5.94
N PRO B 259 -0.31 32.02 -5.55
CA PRO B 259 -1.65 31.44 -5.63
C PRO B 259 -2.03 31.05 -7.07
N LEU B 260 -2.69 29.90 -7.21
CA LEU B 260 -3.30 29.43 -8.47
C LEU B 260 -4.55 30.25 -8.71
N GLN B 261 -4.88 30.62 -9.96
CA GLN B 261 -6.04 31.49 -10.25
C GLN B 261 -7.29 30.76 -9.79
N ASP B 262 -8.27 31.51 -9.25
CA ASP B 262 -9.51 30.97 -8.66
C ASP B 262 -10.50 30.66 -9.79
N GLU B 263 -10.11 29.79 -10.72
CA GLU B 263 -10.95 29.34 -11.85
C GLU B 263 -10.86 27.81 -12.00
N PHE B 264 -11.73 27.26 -12.84
CA PHE B 264 -11.75 25.83 -13.18
C PHE B 264 -10.73 25.57 -14.30
N PHE B 265 -10.05 24.46 -14.19
CA PHE B 265 -9.08 23.93 -15.20
C PHE B 265 -9.58 22.60 -15.73
N PRO B 266 -9.16 22.18 -16.95
CA PRO B 266 -9.37 20.81 -17.41
C PRO B 266 -8.62 19.83 -16.51
N LEU B 267 -9.25 18.70 -16.24
CA LEU B 267 -8.86 17.68 -15.25
C LEU B 267 -8.56 16.39 -16.02
N VAL B 268 -7.43 15.74 -15.69
CA VAL B 268 -6.98 14.48 -16.31
C VAL B 268 -6.26 13.64 -15.26
N TYR B 269 -6.43 12.34 -15.36
CA TYR B 269 -5.77 11.33 -14.52
C TYR B 269 -4.43 10.95 -15.18
N ALA B 270 -3.38 10.82 -14.37
CA ALA B 270 -2.03 10.50 -14.85
C ALA B 270 -2.00 9.15 -15.55
N GLY B 271 -2.82 8.19 -15.12
CA GLY B 271 -2.93 6.88 -15.78
C GLY B 271 -3.48 6.97 -17.21
N TYR B 272 -4.15 8.06 -17.59
CA TYR B 272 -4.66 8.29 -18.97
C TYR B 272 -3.67 9.14 -19.77
N ALA B 273 -3.09 10.16 -19.13
CA ALA B 273 -2.30 11.21 -19.81
C ALA B 273 -0.83 10.83 -19.90
N GLY B 274 -0.41 9.68 -19.38
CA GLY B 274 1.01 9.32 -19.34
C GLY B 274 1.19 7.84 -19.10
N SER B 275 2.42 7.41 -18.93
CA SER B 275 2.80 5.97 -18.84
C SER B 275 2.80 5.52 -17.38
N SER B 276 2.41 6.39 -16.45
CA SER B 276 2.43 6.05 -15.01
C SER B 276 1.37 6.85 -14.25
N ARG B 277 0.49 6.15 -13.56
CA ARG B 277 -0.48 6.80 -12.65
C ARG B 277 0.29 7.40 -11.46
N PHE B 278 1.57 7.06 -11.27
CA PHE B 278 2.36 7.52 -10.09
C PHE B 278 3.09 8.85 -10.37
N CYS B 279 3.05 9.38 -11.60
CA CYS B 279 3.68 10.67 -12.02
C CYS B 279 5.20 10.64 -11.76
N THR B 280 5.85 9.53 -12.12
CA THR B 280 7.32 9.43 -12.08
C THR B 280 7.90 10.31 -13.18
N ASN B 281 9.20 10.60 -13.06
CA ASN B 281 9.96 11.48 -13.98
C ASN B 281 9.76 11.04 -15.43
N GLY B 282 9.31 11.95 -16.31
CA GLY B 282 9.23 11.75 -17.78
C GLY B 282 8.02 10.92 -18.21
N SER B 283 7.14 10.55 -17.28
CA SER B 283 5.99 9.64 -17.52
C SER B 283 4.83 10.39 -18.19
N LEU B 284 4.61 11.66 -17.86
CA LEU B 284 3.44 12.40 -18.40
C LEU B 284 3.69 12.76 -19.86
N ASP B 285 2.65 12.71 -20.68
CA ASP B 285 2.66 13.16 -22.09
C ASP B 285 2.25 14.64 -22.08
N SER B 286 3.19 15.53 -22.40
CA SER B 286 2.99 17.00 -22.32
C SER B 286 1.74 17.42 -23.08
N SER B 287 1.48 16.85 -24.27
CA SER B 287 0.30 17.20 -25.10
C SER B 287 -1.00 16.82 -24.37
N LYS B 288 -0.98 15.90 -23.40
CA LYS B 288 -2.22 15.51 -22.69
C LYS B 288 -2.47 16.35 -21.41
N VAL B 289 -1.50 17.14 -20.92
CA VAL B 289 -1.60 17.74 -19.55
C VAL B 289 -1.41 19.26 -19.59
N GLN B 290 -1.11 19.83 -20.77
CA GLN B 290 -0.89 21.29 -20.94
C GLN B 290 -2.04 22.08 -20.32
N GLY B 291 -1.76 22.83 -19.25
CA GLY B 291 -2.75 23.71 -18.60
C GLY B 291 -3.79 22.93 -17.81
N LYS B 292 -3.56 21.65 -17.53
CA LYS B 292 -4.55 20.77 -16.84
C LYS B 292 -4.18 20.54 -15.38
N ILE B 293 -5.20 20.26 -14.56
CA ILE B 293 -4.96 19.71 -13.20
C ILE B 293 -4.85 18.20 -13.39
N VAL B 294 -3.72 17.65 -12.99
CA VAL B 294 -3.36 16.22 -13.14
C VAL B 294 -3.53 15.52 -11.80
N ILE B 295 -4.19 14.36 -11.86
CA ILE B 295 -4.45 13.49 -10.67
C ILE B 295 -3.35 12.43 -10.66
N CYS B 296 -2.55 12.40 -9.59
CA CYS B 296 -1.47 11.39 -9.40
C CYS B 296 -1.82 10.51 -8.22
N ASP B 297 -1.56 9.21 -8.32
CA ASP B 297 -1.80 8.24 -7.22
C ASP B 297 -0.52 8.19 -6.35
N ASN B 298 -0.66 8.01 -5.04
CA ASN B 298 0.50 7.91 -4.11
C ASN B 298 1.38 6.71 -4.52
N GLY B 299 2.69 6.78 -4.32
CA GLY B 299 3.56 5.60 -4.56
C GLY B 299 4.87 5.95 -5.25
N ILE B 300 5.92 5.20 -4.91
CA ILE B 300 7.25 5.14 -5.59
C ILE B 300 8.07 6.38 -5.25
N ILE B 301 7.48 7.58 -5.32
CA ILE B 301 8.18 8.86 -5.05
C ILE B 301 7.31 9.68 -4.09
N SER B 302 7.88 10.72 -3.48
CA SER B 302 7.18 11.66 -2.57
C SER B 302 6.09 12.38 -3.37
N ARG B 303 5.05 12.85 -2.69
CA ARG B 303 3.99 13.73 -3.29
C ARG B 303 4.63 14.96 -3.94
N GLU B 304 5.61 15.59 -3.26
CA GLU B 304 6.21 16.85 -3.80
C GLU B 304 7.01 16.51 -5.06
N GLU B 305 7.64 15.34 -5.12
CA GLU B 305 8.40 14.95 -6.34
C GLU B 305 7.42 14.80 -7.53
N LYS B 306 6.21 14.30 -7.29
CA LYS B 306 5.17 14.15 -8.35
C LYS B 306 4.84 15.54 -8.90
N GLY B 307 4.72 16.56 -8.05
CA GLY B 307 4.47 17.94 -8.47
C GLY B 307 5.51 18.45 -9.45
N ASN B 308 6.79 18.06 -9.27
CA ASN B 308 7.86 18.44 -10.22
C ASN B 308 7.54 17.86 -11.61
N GLU B 309 7.10 16.62 -11.68
CA GLU B 309 6.73 15.99 -12.99
C GLU B 309 5.52 16.71 -13.61
N VAL B 310 4.47 16.99 -12.84
CA VAL B 310 3.28 17.69 -13.38
C VAL B 310 3.73 19.06 -13.88
N ASN B 311 4.56 19.76 -13.10
CA ASN B 311 5.05 21.10 -13.49
C ASN B 311 5.85 20.99 -14.80
N ARG B 312 6.77 20.03 -14.90
CA ARG B 312 7.69 19.82 -16.05
C ARG B 312 6.86 19.62 -17.32
N ALA B 313 5.79 18.83 -17.23
CA ALA B 313 4.99 18.35 -18.37
C ALA B 313 4.01 19.45 -18.79
N GLY B 314 3.89 20.53 -18.01
CA GLY B 314 3.06 21.70 -18.36
C GLY B 314 1.74 21.79 -17.62
N GLY B 315 1.50 20.97 -16.59
CA GLY B 315 0.23 21.00 -15.85
C GLY B 315 0.06 22.31 -15.13
N ALA B 316 -1.18 22.70 -14.86
CA ALA B 316 -1.54 23.89 -14.05
C ALA B 316 -1.44 23.57 -12.53
N GLY B 317 -1.61 22.31 -12.17
CA GLY B 317 -1.56 21.85 -10.76
C GLY B 317 -1.86 20.37 -10.64
N MET B 318 -1.82 19.88 -9.41
CA MET B 318 -1.85 18.43 -9.12
C MET B 318 -2.84 18.17 -7.98
N ILE B 319 -3.58 17.07 -8.10
CA ILE B 319 -4.31 16.44 -6.98
C ILE B 319 -3.60 15.12 -6.69
N ASP B 320 -2.93 14.99 -5.54
CA ASP B 320 -2.33 13.71 -5.13
C ASP B 320 -3.38 12.92 -4.37
N VAL B 321 -3.45 11.63 -4.66
CA VAL B 321 -4.38 10.69 -3.99
C VAL B 321 -3.59 9.79 -3.05
N THR B 322 -3.88 9.86 -1.75
CA THR B 322 -3.15 9.08 -0.73
C THR B 322 -3.68 7.66 -0.71
N ALA B 323 -2.95 6.78 -0.01
CA ALA B 323 -3.30 5.35 0.17
C ALA B 323 -4.28 5.18 1.31
N GLU B 324 -4.58 6.23 2.07
CA GLU B 324 -5.36 6.14 3.33
C GLU B 324 -6.71 6.84 3.19
N ASP B 325 -7.60 6.63 4.16
CA ASP B 325 -8.94 7.27 4.11
C ASP B 325 -9.00 8.38 5.17
N PHE B 326 -7.85 8.97 5.51
CA PHE B 326 -7.74 10.17 6.35
C PHE B 326 -6.57 10.98 5.79
N LEU B 327 -6.54 12.27 6.14
CA LEU B 327 -5.47 13.21 5.76
C LEU B 327 -4.69 13.63 6.99
N ARG B 328 -3.40 13.83 6.79
CA ARG B 328 -2.54 14.49 7.81
C ARG B 328 -1.78 15.58 7.06
N ALA B 329 -1.84 16.80 7.53
CA ALA B 329 -1.13 17.91 6.88
C ALA B 329 0.39 17.72 6.94
N GLY B 330 1.07 17.86 5.81
CA GLY B 330 2.54 17.90 5.82
C GLY B 330 3.13 17.99 4.43
N ASP B 331 2.39 18.39 3.38
CA ASP B 331 2.89 18.39 1.98
C ASP B 331 3.28 19.81 1.57
N ALA B 332 4.56 20.16 1.72
CA ALA B 332 5.13 21.46 1.36
C ALA B 332 5.35 21.48 -0.15
N TYR B 333 4.26 21.47 -0.92
CA TYR B 333 4.32 21.51 -2.39
C TYR B 333 5.06 22.77 -2.88
N LEU B 334 5.86 22.65 -3.94
CA LEU B 334 6.46 23.84 -4.62
C LEU B 334 5.58 24.32 -5.79
N PHE B 335 4.68 23.49 -6.28
CA PHE B 335 3.75 23.86 -7.38
C PHE B 335 2.34 23.57 -6.94
N PRO B 336 1.33 24.30 -7.46
CA PRO B 336 -0.01 24.24 -6.89
C PRO B 336 -0.51 22.80 -6.82
N ALA B 337 -0.89 22.34 -5.62
CA ALA B 337 -1.30 20.94 -5.41
C ALA B 337 -2.04 20.82 -4.10
N THR B 338 -2.86 19.78 -4.02
CA THR B 338 -3.53 19.37 -2.77
C THR B 338 -3.54 17.85 -2.72
N THR B 339 -3.76 17.31 -1.53
CA THR B 339 -3.78 15.86 -1.27
C THR B 339 -5.20 15.50 -0.83
N VAL B 340 -5.75 14.42 -1.37
CA VAL B 340 -7.10 13.90 -1.03
C VAL B 340 -6.94 12.44 -0.65
N THR B 341 -7.96 11.91 0.03
CA THR B 341 -8.03 10.50 0.46
C THR B 341 -8.16 9.55 -0.75
N LEU B 342 -7.85 8.27 -0.51
CA LEU B 342 -8.02 7.15 -1.48
C LEU B 342 -9.43 7.20 -2.08
N THR B 343 -10.47 7.23 -1.26
CA THR B 343 -11.88 7.15 -1.75
C THR B 343 -12.26 8.42 -2.55
N ASP B 344 -11.96 9.61 -2.03
CA ASP B 344 -12.21 10.89 -2.73
C ASP B 344 -11.43 10.88 -4.04
N GLY B 345 -10.17 10.46 -4.02
CA GLY B 345 -9.31 10.38 -5.24
C GLY B 345 -9.97 9.56 -6.34
N TYR B 346 -10.52 8.42 -6.00
CA TYR B 346 -11.17 7.53 -7.00
C TYR B 346 -12.41 8.22 -7.60
N GLU B 347 -13.25 8.87 -6.79
CA GLU B 347 -14.39 9.66 -7.30
C GLU B 347 -13.90 10.66 -8.33
N ILE B 348 -12.84 11.40 -8.02
CA ILE B 348 -12.25 12.44 -8.89
C ILE B 348 -11.69 11.78 -10.16
N GLU B 349 -10.95 10.68 -10.04
CA GLU B 349 -10.41 9.90 -11.18
C GLU B 349 -11.58 9.45 -12.09
N TYR B 350 -12.59 8.84 -11.51
CA TYR B 350 -13.72 8.22 -12.25
C TYR B 350 -14.39 9.35 -13.06
N TYR B 351 -14.60 10.50 -12.40
CA TYR B 351 -15.17 11.70 -13.05
C TYR B 351 -14.28 12.14 -14.22
N SER B 352 -12.98 12.20 -14.01
CA SER B 352 -12.01 12.67 -15.03
C SER B 352 -12.08 11.79 -16.29
N VAL B 353 -12.34 10.49 -16.11
CA VAL B 353 -12.22 9.49 -17.20
C VAL B 353 -13.56 9.38 -17.95
N THR B 354 -14.69 9.55 -17.27
CA THR B 354 -16.04 9.21 -17.81
C THR B 354 -16.86 10.45 -18.15
N SER B 355 -16.52 11.64 -17.65
CA SER B 355 -17.24 12.90 -17.98
C SER B 355 -16.76 13.47 -19.31
N GLN B 356 -17.66 14.15 -20.02
CA GLN B 356 -17.35 14.71 -21.36
C GLN B 356 -16.26 15.79 -21.24
N SER B 357 -16.43 16.76 -20.34
CA SER B 357 -15.50 17.91 -20.28
C SER B 357 -15.06 18.10 -18.83
N PRO B 358 -14.30 17.16 -18.22
CA PRO B 358 -14.14 17.19 -16.76
C PRO B 358 -13.29 18.41 -16.38
N THR B 359 -13.65 19.12 -15.30
CA THR B 359 -12.86 20.27 -14.81
C THR B 359 -12.76 20.19 -13.29
N ALA B 360 -11.78 20.89 -12.75
CA ALA B 360 -11.61 21.01 -11.28
C ALA B 360 -11.03 22.39 -10.96
N LYS B 361 -11.40 22.88 -9.78
CA LYS B 361 -10.78 24.04 -9.10
C LYS B 361 -10.12 23.53 -7.81
N ILE B 362 -8.95 24.05 -7.44
CA ILE B 362 -8.41 23.84 -6.06
C ILE B 362 -8.61 25.15 -5.30
N VAL B 363 -9.34 25.09 -4.20
CA VAL B 363 -9.64 26.29 -3.38
C VAL B 363 -8.67 26.24 -2.17
N PHE B 364 -7.65 27.07 -2.18
CA PHE B 364 -6.62 27.15 -1.11
C PHE B 364 -7.26 27.91 0.05
N LEU B 365 -7.67 27.23 1.12
CA LEU B 365 -8.31 27.87 2.29
C LEU B 365 -7.25 28.19 3.36
N GLY B 366 -6.08 27.57 3.29
CA GLY B 366 -5.04 27.80 4.31
C GLY B 366 -5.43 27.25 5.68
N THR B 367 -5.06 27.94 6.75
CA THR B 367 -5.10 27.40 8.11
C THR B 367 -6.53 27.52 8.60
N VAL B 368 -7.14 26.42 9.02
CA VAL B 368 -8.56 26.45 9.49
C VAL B 368 -8.60 25.90 10.90
N ILE B 369 -9.09 26.71 11.85
CA ILE B 369 -9.30 26.29 13.26
C ILE B 369 -10.80 26.26 13.54
N GLY B 370 -11.33 25.14 14.00
CA GLY B 370 -12.77 25.02 14.35
C GLY B 370 -13.12 23.63 14.83
N ASN B 371 -14.42 23.35 15.00
CA ASN B 371 -14.97 22.19 15.76
C ASN B 371 -15.23 21.01 14.82
N SER B 372 -14.87 21.14 13.54
CA SER B 372 -15.14 20.10 12.53
C SER B 372 -13.88 19.88 11.72
N PRO B 373 -13.28 18.66 11.71
CA PRO B 373 -13.72 17.54 12.52
C PRO B 373 -13.42 17.72 14.01
N PRO B 374 -14.02 16.90 14.91
CA PRO B 374 -13.70 16.98 16.34
C PRO B 374 -12.22 16.65 16.65
N ALA B 375 -11.78 17.12 17.81
CA ALA B 375 -10.41 16.98 18.34
C ALA B 375 -10.50 16.93 19.87
N PRO B 376 -9.53 16.26 20.53
CA PRO B 376 -8.47 15.52 19.85
C PRO B 376 -8.91 14.16 19.32
N LYS B 377 -8.15 13.65 18.38
CA LYS B 377 -8.20 12.25 17.92
C LYS B 377 -6.82 11.61 18.12
N VAL B 378 -6.74 10.33 18.48
CA VAL B 378 -5.41 9.66 18.56
C VAL B 378 -4.88 9.51 17.13
N ALA B 379 -3.64 9.96 16.89
CA ALA B 379 -2.97 9.88 15.58
C ALA B 379 -2.90 8.44 15.13
N SER B 380 -3.18 8.21 13.85
CA SER B 380 -3.06 6.85 13.27
C SER B 380 -1.70 6.23 13.64
N PHE B 381 -0.63 6.98 13.48
CA PHE B 381 0.78 6.49 13.61
C PHE B 381 1.18 6.30 15.09
N SER B 382 0.42 6.83 16.05
CA SER B 382 0.86 6.83 17.45
C SER B 382 0.98 5.35 17.90
N SER B 383 2.13 4.97 18.44
CA SER B 383 2.33 3.56 18.91
C SER B 383 1.34 3.25 20.04
N ARG B 384 0.95 2.00 20.13
CA ARG B 384 -0.20 1.59 20.97
C ARG B 384 0.25 0.56 22.00
N GLY B 385 -0.42 0.55 23.15
CA GLY B 385 -0.35 -0.60 24.06
C GLY B 385 -1.04 -1.81 23.44
N PRO B 386 -1.15 -2.93 24.18
CA PRO B 386 -0.61 -3.01 25.54
C PRO B 386 0.92 -2.88 25.64
N ASN B 387 1.41 -2.67 26.86
CA ASN B 387 2.85 -2.82 27.20
C ASN B 387 3.30 -4.22 26.76
N LEU B 388 4.20 -4.31 25.77
CA LEU B 388 4.67 -5.57 25.18
C LEU B 388 5.34 -6.49 26.21
N TRP B 389 6.06 -5.96 27.21
CA TRP B 389 6.88 -6.76 28.16
C TRP B 389 6.13 -7.04 29.46
N THR B 390 5.32 -6.09 29.92
CA THR B 390 4.62 -6.15 31.23
C THR B 390 3.18 -5.75 30.99
N PRO B 391 2.28 -6.70 30.68
CA PRO B 391 0.90 -6.35 30.36
C PRO B 391 0.12 -5.70 31.52
N GLN B 392 0.59 -5.89 32.76
CA GLN B 392 -0.01 -5.32 33.99
C GLN B 392 0.31 -3.82 34.12
N ILE B 393 1.08 -3.21 33.21
CA ILE B 393 1.37 -1.75 33.25
C ILE B 393 0.73 -1.17 31.99
N LEU B 394 -0.31 -0.36 32.15
CA LEU B 394 -0.95 0.33 31.00
C LEU B 394 0.07 1.29 30.34
N LYS B 395 0.33 1.12 29.03
CA LYS B 395 1.05 2.13 28.20
C LYS B 395 0.25 2.37 26.93
N PRO B 396 0.33 3.56 26.31
CA PRO B 396 1.06 4.71 26.87
C PRO B 396 0.33 5.32 28.07
N ASP B 397 0.87 6.40 28.61
CA ASP B 397 0.34 7.06 29.84
C ASP B 397 -0.66 8.16 29.51
N VAL B 398 -0.36 9.05 28.54
CA VAL B 398 -1.13 10.26 28.15
C VAL B 398 -0.94 10.48 26.65
N ILE B 399 -1.80 11.34 26.10
CA ILE B 399 -1.64 11.85 24.71
C ILE B 399 -1.55 13.37 24.82
N ALA B 400 -0.94 13.97 23.83
CA ALA B 400 -0.74 15.43 23.73
C ALA B 400 -0.59 15.78 22.24
N PRO B 401 -0.68 17.06 21.86
CA PRO B 401 -0.62 17.45 20.45
C PRO B 401 0.66 16.99 19.74
N GLY B 402 0.47 16.20 18.69
CA GLY B 402 1.56 15.60 17.91
C GLY B 402 1.31 15.60 16.42
N VAL B 403 0.29 16.30 15.90
CA VAL B 403 -0.02 16.23 14.45
C VAL B 403 0.07 17.64 13.88
N ALA B 404 1.00 17.86 12.96
CA ALA B 404 1.21 19.12 12.24
C ALA B 404 1.38 20.26 13.25
N ILE B 405 2.51 20.26 13.97
CA ILE B 405 2.86 21.21 15.05
C ILE B 405 3.97 22.12 14.50
N LEU B 406 3.79 23.42 14.65
CA LEU B 406 4.73 24.46 14.22
C LEU B 406 5.74 24.70 15.32
N ALA B 407 6.99 24.55 15.00
CA ALA B 407 8.10 24.88 15.94
C ALA B 407 9.36 25.13 15.13
N GLY B 408 10.46 25.33 15.83
CA GLY B 408 11.72 25.71 15.22
C GLY B 408 12.27 24.64 14.31
N TRP B 409 13.06 25.06 13.33
CA TRP B 409 13.71 24.12 12.39
C TRP B 409 15.17 24.54 12.22
N SER B 410 15.92 23.65 11.58
CA SER B 410 17.35 23.81 11.25
C SER B 410 17.49 24.71 10.02
N GLY B 411 18.43 25.65 10.07
CA GLY B 411 18.80 26.48 8.91
C GLY B 411 19.61 25.71 7.89
N ALA B 412 19.95 24.44 8.15
CA ALA B 412 20.69 23.60 7.19
C ALA B 412 19.76 22.69 6.40
N ALA B 413 18.47 22.62 6.75
CA ALA B 413 17.55 21.57 6.24
C ALA B 413 16.38 22.22 5.50
N HIS B 414 16.08 21.71 4.32
CA HIS B 414 14.90 22.13 3.49
C HIS B 414 13.68 21.33 3.92
N PRO B 415 12.43 21.82 3.73
CA PRO B 415 11.24 21.06 4.11
C PRO B 415 11.14 19.69 3.42
N THR B 416 11.69 19.54 2.22
CA THR B 416 11.70 18.29 1.41
C THR B 416 13.11 17.95 0.90
N ASP B 417 13.29 16.76 0.31
CA ASP B 417 14.56 16.31 -0.34
C ASP B 417 14.65 16.78 -1.79
N LEU B 418 13.65 17.44 -2.36
CA LEU B 418 13.69 17.84 -3.79
C LEU B 418 14.98 18.64 -4.08
N ASP B 419 15.68 18.30 -5.16
CA ASP B 419 16.87 19.05 -5.65
C ASP B 419 16.52 20.52 -5.83
N ASN B 420 15.31 20.84 -6.28
CA ASN B 420 14.89 22.25 -6.52
C ASN B 420 14.31 22.85 -5.24
N ASP B 421 14.35 22.20 -4.09
CA ASP B 421 13.82 22.83 -2.86
C ASP B 421 14.95 23.65 -2.22
N ASP B 422 14.89 24.97 -2.30
CA ASP B 422 15.93 25.83 -1.66
C ASP B 422 15.32 26.59 -0.47
N ARG B 423 14.14 26.21 0.01
CA ARG B 423 13.46 26.91 1.12
C ARG B 423 14.24 26.68 2.42
N ILE B 424 14.57 27.78 3.11
CA ILE B 424 15.19 27.76 4.46
C ILE B 424 14.20 28.44 5.37
N VAL B 425 13.75 27.78 6.44
CA VAL B 425 12.65 28.30 7.27
C VAL B 425 13.07 28.27 8.74
N GLN B 426 12.59 29.25 9.49
CA GLN B 426 12.73 29.27 10.96
C GLN B 426 11.74 28.27 11.60
N PHE B 427 10.58 28.08 10.99
CA PHE B 427 9.47 27.31 11.60
C PHE B 427 8.95 26.32 10.55
N TRP B 428 8.75 25.08 10.96
CA TRP B 428 8.28 23.97 10.11
C TRP B 428 7.15 23.24 10.84
N LEU B 429 6.21 22.66 10.08
CA LEU B 429 5.14 21.79 10.60
C LEU B 429 5.62 20.33 10.57
N ASP B 430 5.66 19.69 11.75
CA ASP B 430 6.09 18.27 11.81
C ASP B 430 5.07 17.48 12.62
N SER B 431 5.08 16.16 12.44
CA SER B 431 4.13 15.26 13.11
C SER B 431 4.90 14.10 13.74
N GLY B 432 4.43 13.60 14.87
CA GLY B 432 5.06 12.45 15.53
C GLY B 432 4.72 12.42 17.00
N THR B 433 4.95 11.27 17.64
CA THR B 433 4.96 11.23 19.11
C THR B 433 6.17 12.07 19.55
N SER B 434 7.18 12.23 18.69
CA SER B 434 8.30 13.21 18.87
C SER B 434 7.80 14.61 19.22
N MET B 435 6.69 15.05 18.61
CA MET B 435 6.14 16.41 18.82
C MET B 435 5.24 16.45 20.07
N ALA B 436 4.59 15.34 20.42
CA ALA B 436 3.71 15.28 21.61
C ALA B 436 4.57 15.29 22.89
N CYS B 437 5.61 14.47 22.92
CA CYS B 437 6.53 14.36 24.07
C CYS B 437 6.93 15.74 24.60
N PRO B 438 7.52 16.67 23.79
CA PRO B 438 8.01 17.93 24.37
C PRO B 438 6.88 18.85 24.84
N HIS B 439 5.65 18.73 24.29
CA HIS B 439 4.49 19.40 24.91
C HIS B 439 4.44 18.99 26.38
N VAL B 440 4.49 17.69 26.64
CA VAL B 440 4.38 17.16 28.03
C VAL B 440 5.61 17.59 28.85
N SER B 441 6.79 17.57 28.28
CA SER B 441 8.06 17.96 28.94
C SER B 441 7.95 19.39 29.45
N GLY B 442 7.46 20.27 28.60
CA GLY B 442 7.20 21.67 28.96
C GLY B 442 6.17 21.74 30.09
N ILE B 443 5.08 21.00 30.00
CA ILE B 443 4.05 21.05 31.09
C ILE B 443 4.64 20.51 32.40
N VAL B 444 5.44 19.46 32.34
CA VAL B 444 6.13 18.89 33.53
C VAL B 444 7.04 19.94 34.17
N ALA B 445 7.73 20.74 33.37
CA ALA B 445 8.59 21.86 33.84
C ALA B 445 7.73 22.86 34.63
N LEU B 446 6.56 23.23 34.10
CA LEU B 446 5.62 24.11 34.82
C LEU B 446 5.24 23.48 36.17
N LEU B 447 4.92 22.18 36.19
CA LEU B 447 4.45 21.53 37.43
C LEU B 447 5.61 21.45 38.44
N ARG B 448 6.83 21.27 37.94
CA ARG B 448 8.03 21.24 38.80
C ARG B 448 8.17 22.58 39.51
N LYS B 449 8.00 23.68 38.79
CA LYS B 449 8.12 25.03 39.37
C LYS B 449 7.00 25.27 40.39
N ALA B 450 5.77 24.87 40.07
CA ALA B 450 4.58 25.01 40.96
C ALA B 450 4.72 24.15 42.23
N HIS B 451 5.33 22.97 42.09
CA HIS B 451 5.41 21.93 43.13
C HIS B 451 6.86 21.47 43.29
N PRO B 452 7.76 22.31 43.85
CA PRO B 452 9.16 21.91 44.01
C PRO B 452 9.35 20.63 44.83
N SER B 453 8.47 20.31 45.79
CA SER B 453 8.67 19.13 46.68
C SER B 453 8.21 17.80 46.05
N TRP B 454 7.47 17.83 44.94
CA TRP B 454 6.88 16.58 44.42
C TRP B 454 7.94 15.72 43.77
N SER B 455 7.81 14.41 43.93
CA SER B 455 8.60 13.40 43.19
C SER B 455 8.27 13.43 41.70
N ALA B 456 9.12 12.80 40.91
CA ALA B 456 8.86 12.59 39.47
C ALA B 456 7.53 11.85 39.32
N ALA B 457 7.33 10.80 40.12
CA ALA B 457 6.07 10.00 40.04
C ALA B 457 4.83 10.86 40.38
N ALA B 458 4.91 11.80 41.34
CA ALA B 458 3.77 12.66 41.75
C ALA B 458 3.42 13.61 40.59
N ILE B 459 4.41 14.17 39.90
CA ILE B 459 4.16 15.09 38.76
C ILE B 459 3.45 14.35 37.63
N LYS B 460 3.93 13.14 37.28
CA LYS B 460 3.30 12.31 36.25
C LYS B 460 1.89 11.91 36.69
N SER B 461 1.73 11.50 37.95
CA SER B 461 0.41 11.14 38.50
C SER B 461 -0.59 12.28 38.24
N ALA B 462 -0.21 13.49 38.55
CA ALA B 462 -1.06 14.69 38.50
C ALA B 462 -1.56 14.87 37.07
N LEU B 463 -0.70 14.64 36.07
CA LEU B 463 -1.11 14.72 34.64
C LEU B 463 -2.04 13.57 34.26
N MET B 464 -1.86 12.37 34.82
CA MET B 464 -2.66 11.20 34.42
C MET B 464 -4.05 11.30 35.05
N THR B 465 -4.15 11.67 36.32
CA THR B 465 -5.44 11.53 37.06
C THR B 465 -6.39 12.69 36.73
N THR B 466 -5.88 13.71 36.02
CA THR B 466 -6.66 14.89 35.56
C THR B 466 -6.84 14.86 34.04
N ALA B 467 -6.25 13.89 33.35
CA ALA B 467 -6.26 13.79 31.89
C ALA B 467 -7.70 13.61 31.44
N TYR B 468 -8.11 14.21 30.33
CA TYR B 468 -9.52 14.16 29.85
C TYR B 468 -9.71 13.11 28.75
N ASN B 469 -10.94 12.59 28.63
CA ASN B 469 -11.25 11.41 27.81
C ASN B 469 -12.34 11.72 26.77
N LEU B 470 -12.90 12.93 26.78
CA LEU B 470 -13.96 13.36 25.81
C LEU B 470 -13.33 14.38 24.85
N ASP B 471 -13.65 14.28 23.56
CA ASP B 471 -13.29 15.28 22.53
C ASP B 471 -14.16 16.53 22.66
N ASN B 472 -13.92 17.55 21.82
CA ASN B 472 -14.63 18.86 21.88
C ASN B 472 -16.07 18.76 21.33
N SER B 473 -16.53 17.57 20.93
CA SER B 473 -17.95 17.27 20.58
C SER B 473 -18.67 16.54 21.72
N GLY B 474 -17.97 16.22 22.83
CA GLY B 474 -18.54 15.49 23.98
C GLY B 474 -18.54 13.97 23.82
N GLU B 475 -17.84 13.40 22.83
CA GLU B 475 -17.75 11.94 22.60
C GLU B 475 -16.41 11.37 23.12
N THR B 476 -16.34 10.07 23.42
CA THR B 476 -15.04 9.43 23.78
C THR B 476 -14.01 9.77 22.69
N ILE B 477 -12.83 10.26 23.09
CA ILE B 477 -11.76 10.54 22.09
C ILE B 477 -11.64 9.36 21.11
N THR B 478 -11.70 9.66 19.83
CA THR B 478 -11.68 8.67 18.72
C THR B 478 -10.24 8.44 18.27
N ASP B 479 -10.07 7.37 17.52
CA ASP B 479 -8.84 6.97 16.81
C ASP B 479 -8.98 7.42 15.34
N VAL B 480 -8.00 8.16 14.82
CA VAL B 480 -7.94 8.45 13.35
C VAL B 480 -8.02 7.14 12.56
N ALA B 481 -7.42 6.04 12.99
CA ALA B 481 -7.30 4.81 12.19
C ALA B 481 -8.65 4.10 12.05
N THR B 482 -9.60 4.33 12.95
CA THR B 482 -10.88 3.61 12.91
C THR B 482 -12.08 4.53 12.75
N SER B 483 -11.97 5.84 13.03
CA SER B 483 -13.13 6.77 13.23
C SER B 483 -14.06 6.36 14.40
N ASN B 484 -13.66 5.40 15.24
CA ASN B 484 -14.43 4.95 16.42
C ASN B 484 -13.78 5.42 17.71
N ALA B 485 -14.50 5.33 18.83
CA ALA B 485 -13.94 5.55 20.18
C ALA B 485 -12.60 4.81 20.27
N SER B 486 -11.56 5.50 20.75
CA SER B 486 -10.24 4.90 21.11
C SER B 486 -10.41 4.14 22.43
N THR B 487 -9.37 3.39 22.83
CA THR B 487 -9.23 2.71 24.14
C THR B 487 -8.05 3.31 24.89
N PRO B 488 -7.94 3.04 26.22
CA PRO B 488 -6.72 3.32 26.97
C PRO B 488 -5.43 2.76 26.35
N PHE B 489 -5.48 1.72 25.53
CA PHE B 489 -4.26 1.25 24.81
C PHE B 489 -3.85 2.25 23.72
N ASP B 490 -4.73 3.21 23.40
CA ASP B 490 -4.45 4.26 22.39
C ASP B 490 -4.13 5.59 23.08
N ARG B 491 -4.86 5.95 24.14
CA ARG B 491 -4.77 7.31 24.75
C ARG B 491 -4.28 7.25 26.20
N GLY B 492 -3.96 6.09 26.75
CA GLY B 492 -3.55 6.00 28.16
C GLY B 492 -4.67 6.49 29.07
N ALA B 493 -4.33 7.36 30.00
CA ALA B 493 -5.24 7.98 31.00
C ALA B 493 -6.00 9.12 30.31
N GLY B 494 -5.60 9.48 29.08
CA GLY B 494 -6.28 10.53 28.30
C GLY B 494 -5.36 11.66 27.89
N HIS B 495 -5.96 12.78 27.45
CA HIS B 495 -5.24 13.98 27.00
C HIS B 495 -4.87 14.86 28.18
N VAL B 496 -3.63 15.34 28.21
CA VAL B 496 -3.15 16.21 29.32
C VAL B 496 -4.02 17.45 29.42
N HIS B 497 -4.31 17.81 30.66
CA HIS B 497 -5.12 18.99 31.04
C HIS B 497 -4.30 19.82 32.04
N PRO B 498 -3.35 20.66 31.57
CA PRO B 498 -2.38 21.28 32.46
C PRO B 498 -3.00 22.06 33.62
N ASP B 499 -4.02 22.89 33.38
CA ASP B 499 -4.60 23.72 34.49
C ASP B 499 -5.15 22.82 35.59
N SER B 500 -5.72 21.67 35.23
CA SER B 500 -6.28 20.71 36.20
C SER B 500 -5.15 19.96 36.92
N ALA B 501 -4.04 19.64 36.24
CA ALA B 501 -2.87 18.90 36.78
C ALA B 501 -2.19 19.70 37.89
N LEU B 502 -2.33 21.02 37.88
CA LEU B 502 -1.83 21.92 38.93
C LEU B 502 -2.44 21.57 40.29
N ASP B 503 -3.64 20.96 40.31
CA ASP B 503 -4.41 20.75 41.58
C ASP B 503 -5.08 19.39 41.52
N PRO B 504 -4.32 18.28 41.60
CA PRO B 504 -4.90 16.96 41.40
C PRO B 504 -5.57 16.40 42.67
N GLY B 505 -5.24 16.98 43.83
CA GLY B 505 -5.82 16.54 45.13
C GLY B 505 -5.08 15.36 45.73
N LEU B 506 -5.02 14.21 45.03
CA LEU B 506 -4.19 13.06 45.41
C LEU B 506 -3.17 12.76 44.33
N VAL B 507 -2.04 12.13 44.72
CA VAL B 507 -1.08 11.57 43.75
C VAL B 507 -0.75 10.15 44.16
N TYR B 508 -0.37 9.35 43.20
CA TYR B 508 0.14 7.98 43.37
C TYR B 508 1.67 8.10 43.31
N ASP B 509 2.31 8.01 44.46
CA ASP B 509 3.78 8.21 44.60
C ASP B 509 4.50 6.86 44.54
N SER B 510 5.76 6.89 44.12
CA SER B 510 6.65 5.70 44.08
C SER B 510 8.10 6.21 44.07
N ASP B 511 9.02 5.36 44.49
CA ASP B 511 10.46 5.73 44.59
C ASP B 511 11.30 4.60 44.02
N THR B 512 12.62 4.76 44.11
CA THR B 512 13.59 3.82 43.50
C THR B 512 13.41 2.44 44.12
N GLU B 513 13.16 2.32 45.42
CA GLU B 513 13.00 0.98 46.04
C GLU B 513 11.75 0.30 45.46
N ASP B 514 10.70 1.04 45.14
CA ASP B 514 9.49 0.43 44.52
C ASP B 514 9.88 -0.11 43.13
N TYR B 515 10.72 0.62 42.41
CA TYR B 515 11.14 0.20 41.06
C TYR B 515 12.03 -1.03 41.15
N VAL B 516 12.89 -1.14 42.16
CA VAL B 516 13.70 -2.37 42.33
C VAL B 516 12.73 -3.52 42.57
N SER B 517 11.67 -3.29 43.36
CA SER B 517 10.64 -4.33 43.63
C SER B 517 9.97 -4.75 42.32
N PHE B 518 9.76 -3.80 41.41
CA PHE B 518 9.20 -4.10 40.08
C PHE B 518 10.17 -4.97 39.27
N LEU B 519 11.43 -4.57 39.18
CA LEU B 519 12.48 -5.32 38.44
C LEU B 519 12.54 -6.75 39.00
N CYS B 520 12.39 -6.91 40.31
CA CYS B 520 12.33 -8.27 40.92
C CYS B 520 11.08 -9.00 40.43
N ALA B 521 9.93 -8.32 40.45
CA ALA B 521 8.63 -8.93 40.12
C ALA B 521 8.58 -9.41 38.67
N ILE B 522 9.35 -8.79 37.75
CA ILE B 522 9.33 -9.17 36.30
C ILE B 522 10.38 -10.28 36.05
N GLY B 523 11.11 -10.71 37.07
CA GLY B 523 11.97 -11.90 37.01
C GLY B 523 13.41 -11.58 36.62
N TYR B 524 13.87 -10.33 36.77
CA TYR B 524 15.30 -10.00 36.55
C TYR B 524 16.15 -10.62 37.67
N ASN B 525 17.29 -11.22 37.29
CA ASN B 525 18.29 -11.77 38.23
C ASN B 525 19.13 -10.58 38.74
N SER B 526 20.04 -10.81 39.67
CA SER B 526 20.84 -9.74 40.30
C SER B 526 21.70 -9.01 39.25
N THR B 527 22.20 -9.68 38.21
CA THR B 527 23.04 -9.06 37.16
C THR B 527 22.21 -7.97 36.44
N LEU B 528 20.98 -8.30 36.06
CA LEU B 528 20.07 -7.33 35.38
C LEU B 528 19.68 -6.25 36.37
N ILE B 529 19.41 -6.59 37.60
CA ILE B 529 19.08 -5.54 38.61
C ILE B 529 20.26 -4.58 38.74
N GLY B 530 21.48 -5.09 38.81
CA GLY B 530 22.69 -4.26 38.92
C GLY B 530 22.84 -3.25 37.78
N ILE B 531 22.36 -3.54 36.57
CA ILE B 531 22.39 -2.58 35.42
C ILE B 531 21.68 -1.29 35.86
N PHE B 532 20.60 -1.42 36.64
CA PHE B 532 19.78 -0.28 37.07
C PHE B 532 20.39 0.37 38.32
N THR B 533 20.75 -0.43 39.32
CA THR B 533 21.15 0.11 40.66
C THR B 533 22.60 0.61 40.61
N GLY B 534 23.39 0.15 39.64
CA GLY B 534 24.80 0.55 39.54
C GLY B 534 25.69 -0.21 40.51
N GLU B 535 25.21 -1.34 41.05
CA GLU B 535 25.99 -2.23 41.94
C GLU B 535 26.12 -3.62 41.31
N VAL B 536 26.94 -4.47 41.93
CA VAL B 536 26.82 -5.95 41.84
C VAL B 536 26.02 -6.36 43.05
N PRO B 537 24.68 -6.58 42.93
CA PRO B 537 23.87 -6.97 44.09
C PRO B 537 24.19 -8.43 44.45
N PRO B 538 23.93 -8.87 45.69
CA PRO B 538 23.96 -10.31 45.98
C PRO B 538 22.94 -11.01 45.07
N SER B 539 23.17 -12.27 44.71
CA SER B 539 22.27 -13.02 43.79
C SER B 539 20.85 -13.16 44.39
N ASP B 540 20.71 -12.94 45.70
CA ASP B 540 19.49 -13.20 46.50
C ASP B 540 18.79 -11.87 46.82
N ILE B 541 19.18 -10.79 46.13
CA ILE B 541 18.61 -9.41 46.30
C ILE B 541 17.09 -9.51 46.36
N CYS B 542 16.47 -10.31 45.48
CA CYS B 542 15.00 -10.27 45.28
C CYS B 542 14.23 -10.92 46.43
N ASP B 543 14.93 -11.66 47.33
CA ASP B 543 14.37 -12.14 48.62
C ASP B 543 13.90 -10.96 49.49
N ASN B 544 14.53 -9.78 49.42
CA ASN B 544 14.15 -8.61 50.25
C ASN B 544 12.93 -7.86 49.70
N TYR B 545 12.36 -8.25 48.55
CA TYR B 545 11.23 -7.53 47.89
C TYR B 545 10.05 -8.49 47.67
N LYS B 546 8.82 -8.03 47.95
CA LYS B 546 7.59 -8.86 47.87
C LYS B 546 6.45 -8.07 47.21
N LEU B 547 6.66 -7.59 45.98
CA LEU B 547 5.61 -6.81 45.27
C LEU B 547 4.45 -7.71 44.87
N GLY B 548 4.71 -8.97 44.55
CA GLY B 548 3.75 -9.86 43.89
C GLY B 548 3.64 -9.49 42.42
N SER B 549 2.43 -9.42 41.87
CA SER B 549 2.21 -9.02 40.46
C SER B 549 2.89 -7.68 40.20
N PRO B 550 3.51 -7.47 39.02
CA PRO B 550 3.99 -6.13 38.67
C PRO B 550 2.88 -5.06 38.71
N GLY B 551 1.61 -5.48 38.55
CA GLY B 551 0.46 -4.55 38.67
C GLY B 551 0.26 -4.01 40.06
N ASN B 552 0.98 -4.53 41.07
CA ASN B 552 0.95 -3.96 42.44
C ASN B 552 1.91 -2.78 42.57
N LEU B 553 2.74 -2.49 41.56
CA LEU B 553 3.51 -1.22 41.59
C LEU B 553 2.54 -0.06 41.71
N ASN B 554 2.75 0.85 42.65
CA ASN B 554 1.87 2.03 42.83
C ASN B 554 1.90 2.80 41.49
N TYR B 555 0.78 2.85 40.78
CA TYR B 555 0.70 3.41 39.40
C TYR B 555 -0.65 4.10 39.22
N PRO B 556 -0.75 5.25 38.52
CA PRO B 556 -2.03 5.96 38.43
C PRO B 556 -3.08 5.31 37.52
N SER B 557 -2.77 4.19 36.89
CA SER B 557 -3.68 3.45 36.00
C SER B 557 -3.66 1.97 36.39
N PHE B 558 -4.61 1.20 35.87
CA PHE B 558 -4.74 -0.25 36.12
C PHE B 558 -4.78 -1.02 34.81
N SER B 559 -4.09 -2.16 34.81
CA SER B 559 -4.10 -3.12 33.69
C SER B 559 -4.07 -4.56 34.22
N VAL B 560 -5.10 -5.30 33.91
CA VAL B 560 -5.29 -6.70 34.38
C VAL B 560 -5.12 -7.66 33.19
N ALA B 561 -4.30 -8.71 33.37
CA ALA B 561 -4.17 -9.79 32.37
C ALA B 561 -4.73 -11.08 32.99
N PHE B 562 -5.98 -11.40 32.64
CA PHE B 562 -6.64 -12.68 33.01
C PHE B 562 -6.06 -13.77 32.07
N GLU B 563 -4.90 -14.35 32.39
CA GLU B 563 -4.24 -15.40 31.56
C GLU B 563 -4.79 -16.75 32.06
N GLY B 564 -5.14 -17.64 31.13
CA GLY B 564 -5.75 -18.95 31.42
C GLY B 564 -6.82 -18.90 32.50
N ASP B 565 -6.62 -19.69 33.57
CA ASP B 565 -7.59 -19.96 34.66
C ASP B 565 -7.75 -18.75 35.59
N THR B 566 -6.76 -17.84 35.64
CA THR B 566 -6.76 -16.61 36.48
C THR B 566 -7.98 -15.76 36.11
N SER B 567 -8.96 -15.66 37.02
CA SER B 567 -10.23 -14.93 36.86
C SER B 567 -10.45 -13.92 37.99
N ASN B 568 -9.50 -13.77 38.91
CA ASN B 568 -9.69 -12.92 40.11
C ASN B 568 -8.35 -12.26 40.43
N VAL B 569 -8.29 -10.93 40.45
CA VAL B 569 -6.98 -10.23 40.61
C VAL B 569 -7.17 -9.04 41.56
N THR B 570 -6.32 -8.95 42.58
CA THR B 570 -6.34 -7.83 43.54
C THR B 570 -5.02 -7.05 43.39
N TYR B 571 -5.14 -5.73 43.25
CA TYR B 571 -3.99 -4.80 43.32
C TYR B 571 -4.10 -3.90 44.55
N LYS B 572 -2.94 -3.49 45.08
CA LYS B 572 -2.78 -2.45 46.14
C LYS B 572 -2.35 -1.11 45.51
N ARG B 573 -2.87 -0.01 46.04
CA ARG B 573 -2.51 1.38 45.67
C ARG B 573 -2.39 2.21 46.94
N THR B 574 -1.58 3.28 46.87
CA THR B 574 -1.43 4.26 47.96
C THR B 574 -1.57 5.64 47.34
N VAL B 575 -2.42 6.45 47.95
CA VAL B 575 -2.65 7.82 47.48
C VAL B 575 -2.15 8.76 48.54
N THR B 576 -1.57 9.90 48.13
CA THR B 576 -1.04 10.97 49.00
C THR B 576 -1.81 12.25 48.76
N ASN B 577 -2.32 12.83 49.83
CA ASN B 577 -3.03 14.12 49.77
C ASN B 577 -2.02 15.24 49.48
N VAL B 578 -2.21 15.98 48.38
CA VAL B 578 -1.35 17.17 48.07
C VAL B 578 -2.25 18.40 47.97
N GLY B 579 -3.50 18.30 48.43
CA GLY B 579 -4.40 19.47 48.44
C GLY B 579 -4.12 20.46 49.56
N SER B 580 -4.86 21.57 49.56
CA SER B 580 -4.70 22.71 50.48
C SER B 580 -5.26 22.36 51.88
N SER B 581 -6.06 21.31 52.01
CA SER B 581 -6.67 20.85 53.31
C SER B 581 -6.13 19.48 53.70
N SER B 582 -5.61 19.33 54.93
CA SER B 582 -5.11 18.03 55.43
C SER B 582 -6.29 17.11 55.81
N ASP B 583 -7.41 17.67 56.29
CA ASP B 583 -8.60 16.93 56.80
C ASP B 583 -9.64 16.86 55.68
N VAL B 584 -9.55 15.85 54.84
CA VAL B 584 -10.46 15.69 53.69
C VAL B 584 -10.81 14.21 53.61
N VAL B 585 -11.96 13.94 53.01
CA VAL B 585 -12.46 12.55 52.76
C VAL B 585 -12.68 12.39 51.27
N TYR B 586 -12.11 11.35 50.70
CA TYR B 586 -12.26 11.01 49.27
C TYR B 586 -13.12 9.76 49.23
N ARG B 587 -14.06 9.69 48.29
CA ARG B 587 -14.88 8.47 48.07
C ARG B 587 -14.73 8.04 46.62
N VAL B 588 -14.81 6.75 46.40
CA VAL B 588 -14.54 6.12 45.09
C VAL B 588 -15.87 5.90 44.36
N LYS B 589 -15.86 6.11 43.06
CA LYS B 589 -16.94 5.76 42.12
C LYS B 589 -16.31 4.80 41.11
N VAL B 590 -16.98 3.70 40.85
CA VAL B 590 -16.44 2.60 40.01
C VAL B 590 -17.25 2.51 38.72
N ASN B 591 -16.55 2.60 37.58
CA ASN B 591 -17.14 2.43 36.23
C ASN B 591 -16.59 1.10 35.72
N ALA B 592 -17.18 -0.01 36.17
CA ALA B 592 -16.62 -1.36 35.94
C ALA B 592 -16.51 -1.65 34.43
N PRO B 593 -15.43 -2.31 33.97
CA PRO B 593 -15.37 -2.81 32.59
C PRO B 593 -16.46 -3.83 32.29
N PRO B 594 -17.03 -3.85 31.07
CA PRO B 594 -17.84 -4.99 30.63
C PRO B 594 -17.17 -6.34 30.99
N SER B 595 -17.97 -7.25 31.58
CA SER B 595 -17.58 -8.64 31.96
C SER B 595 -16.54 -8.64 33.10
N VAL B 596 -16.48 -7.58 33.88
CA VAL B 596 -15.60 -7.52 35.08
C VAL B 596 -16.36 -6.81 36.21
N ASP B 597 -16.48 -7.51 37.33
CA ASP B 597 -16.91 -6.93 38.62
C ASP B 597 -15.69 -6.31 39.30
N VAL B 598 -15.85 -5.11 39.80
CA VAL B 598 -14.77 -4.33 40.47
C VAL B 598 -15.26 -3.92 41.85
N SER B 599 -14.45 -4.16 42.89
CA SER B 599 -14.74 -3.71 44.27
C SER B 599 -13.47 -3.08 44.84
N VAL B 600 -13.64 -2.00 45.58
CA VAL B 600 -12.56 -1.15 46.15
C VAL B 600 -12.79 -1.12 47.66
N SER B 601 -11.76 -1.48 48.43
CA SER B 601 -11.79 -1.56 49.91
C SER B 601 -10.58 -0.83 50.48
N PRO B 602 -10.75 0.21 51.32
CA PRO B 602 -12.06 0.79 51.62
C PRO B 602 -12.56 1.69 50.47
N SER B 603 -13.83 2.07 50.53
CA SER B 603 -14.47 2.93 49.50
C SER B 603 -14.47 4.40 49.95
N SER B 604 -13.98 4.70 51.16
CA SER B 604 -13.75 6.10 51.63
C SER B 604 -12.35 6.11 52.22
N LEU B 605 -11.63 7.21 52.02
CA LEU B 605 -10.27 7.42 52.60
C LEU B 605 -10.31 8.72 53.39
N VAL B 606 -9.98 8.64 54.67
CA VAL B 606 -10.06 9.79 55.61
C VAL B 606 -8.64 10.25 55.91
N PHE B 607 -8.24 11.38 55.32
CA PHE B 607 -6.89 12.00 55.45
C PHE B 607 -6.90 12.95 56.64
N SER B 608 -5.70 13.15 57.16
CA SER B 608 -5.39 14.09 58.27
C SER B 608 -3.90 14.43 58.17
N LYS B 609 -3.44 15.39 58.98
CA LYS B 609 -1.99 15.74 59.08
C LYS B 609 -1.24 14.48 59.47
N GLU B 610 -1.79 13.68 60.39
CA GLU B 610 -1.22 12.41 60.89
C GLU B 610 -1.19 11.35 59.78
N ASN B 611 -2.16 11.36 58.85
CA ASN B 611 -2.38 10.29 57.85
C ASN B 611 -2.50 10.90 56.46
N PRO B 612 -1.40 11.45 55.89
CA PRO B 612 -1.45 12.06 54.56
C PRO B 612 -1.43 11.09 53.37
N SER B 613 -1.09 9.84 53.59
CA SER B 613 -0.95 8.76 52.59
C SER B 613 -1.74 7.57 53.08
N LEU B 614 -2.64 7.04 52.27
CA LEU B 614 -3.51 5.91 52.66
C LEU B 614 -3.56 4.93 51.50
N SER B 615 -3.74 3.66 51.84
CA SER B 615 -3.74 2.55 50.86
C SER B 615 -5.16 2.08 50.61
N TYR B 616 -5.35 1.42 49.48
CA TYR B 616 -6.60 0.68 49.19
C TYR B 616 -6.27 -0.49 48.31
N GLU B 617 -7.26 -1.39 48.22
CA GLU B 617 -7.18 -2.62 47.42
C GLU B 617 -8.33 -2.56 46.45
N ILE B 618 -8.04 -2.91 45.19
CA ILE B 618 -9.05 -3.00 44.10
C ILE B 618 -9.02 -4.44 43.62
N THR B 619 -10.19 -5.08 43.55
CA THR B 619 -10.34 -6.47 43.07
C THR B 619 -11.13 -6.48 41.75
N PHE B 620 -10.60 -7.22 40.79
CA PHE B 620 -11.13 -7.40 39.43
C PHE B 620 -11.51 -8.86 39.28
N THR B 621 -12.80 -9.16 39.08
CA THR B 621 -13.33 -10.56 38.98
C THR B 621 -14.00 -10.69 37.62
N SER B 622 -13.44 -11.55 36.79
CA SER B 622 -13.92 -11.82 35.42
C SER B 622 -15.29 -12.49 35.50
N THR B 623 -16.29 -11.99 34.79
CA THR B 623 -17.60 -12.67 34.61
C THR B 623 -17.79 -13.04 33.14
N LEU B 624 -16.68 -13.25 32.39
CA LEU B 624 -16.66 -13.73 30.97
C LEU B 624 -16.88 -15.25 30.96
N ALA B 631 -11.79 -10.48 24.41
CA ALA B 631 -10.32 -10.30 24.33
C ALA B 631 -9.91 -9.10 25.19
N GLN B 632 -10.61 -7.95 25.13
CA GLN B 632 -10.27 -6.76 25.96
C GLN B 632 -11.52 -5.97 26.36
N SER B 633 -11.42 -5.20 27.42
CA SER B 633 -12.53 -4.44 28.03
C SER B 633 -11.93 -3.31 28.87
N PHE B 634 -12.64 -2.20 29.04
CA PHE B 634 -12.09 -0.98 29.67
C PHE B 634 -13.12 -0.40 30.62
N GLY B 635 -12.64 0.27 31.66
CA GLY B 635 -13.44 1.03 32.62
C GLY B 635 -12.56 2.04 33.30
N SER B 636 -12.95 2.49 34.49
CA SER B 636 -12.19 3.50 35.26
C SER B 636 -12.68 3.52 36.70
N ILE B 637 -11.90 4.15 37.57
CA ILE B 637 -12.38 4.58 38.90
C ILE B 637 -12.07 6.05 39.06
N GLU B 638 -12.77 6.67 40.00
CA GLU B 638 -12.56 8.10 40.29
C GLU B 638 -12.72 8.28 41.78
N TRP B 639 -11.70 8.84 42.42
CA TRP B 639 -11.75 9.27 43.84
C TRP B 639 -12.09 10.75 43.82
N SER B 640 -13.00 11.21 44.67
CA SER B 640 -13.40 12.64 44.71
C SER B 640 -13.62 13.07 46.15
N ASP B 641 -13.32 14.33 46.41
CA ASP B 641 -13.66 15.06 47.66
C ASP B 641 -14.58 16.19 47.20
N GLY B 642 -14.59 17.31 47.93
CA GLY B 642 -15.35 18.55 47.60
C GLY B 642 -15.07 19.07 46.19
N THR B 643 -13.81 19.03 45.72
CA THR B 643 -13.33 19.85 44.58
C THR B 643 -12.37 19.12 43.63
N HIS B 644 -11.94 17.90 43.91
CA HIS B 644 -10.90 17.20 43.11
C HIS B 644 -11.53 15.92 42.59
N SER B 645 -11.16 15.50 41.38
CA SER B 645 -11.46 14.17 40.82
C SER B 645 -10.13 13.51 40.46
N VAL B 646 -9.91 12.28 40.88
CA VAL B 646 -8.63 11.53 40.70
C VAL B 646 -8.98 10.27 39.92
N ARG B 647 -8.87 10.33 38.60
CA ARG B 647 -9.41 9.28 37.68
C ARG B 647 -8.30 8.34 37.26
N SER B 648 -8.57 7.03 37.30
CA SER B 648 -7.66 5.97 36.84
C SER B 648 -8.38 5.13 35.82
N PRO B 649 -7.83 4.98 34.59
CA PRO B 649 -8.38 4.01 33.65
C PRO B 649 -8.10 2.58 34.12
N ILE B 650 -8.98 1.67 33.70
CA ILE B 650 -8.82 0.21 33.90
C ILE B 650 -8.77 -0.43 32.51
N ALA B 651 -7.75 -1.22 32.25
CA ALA B 651 -7.62 -2.03 31.03
C ALA B 651 -7.69 -3.49 31.42
N ILE B 652 -8.51 -4.27 30.69
CA ILE B 652 -8.62 -5.75 30.88
C ILE B 652 -8.24 -6.49 29.61
N ASP B 653 -7.40 -7.51 29.72
CA ASP B 653 -7.00 -8.45 28.65
C ASP B 653 -7.27 -9.89 29.11
N TRP B 654 -7.96 -10.70 28.31
CA TRP B 654 -8.14 -12.15 28.57
C TRP B 654 -7.12 -12.96 27.76
#